data_4IC7
#
_entry.id   4IC7
#
_cell.length_a   69.370
_cell.length_b   69.370
_cell.length_c   271.240
_cell.angle_alpha   90.00
_cell.angle_beta   90.00
_cell.angle_gamma   90.00
#
_symmetry.space_group_name_H-M   'P 43'
#
loop_
_entity.id
_entity.type
_entity.pdbx_description
1 polymer 'Mitogen-activated protein kinase 7'
2 polymer 'Dual specificity mitogen-activated protein kinase kinase 5'
3 non-polymer 'PHOSPHOAMINOPHOSPHONIC ACID-ADENYLATE ESTER'
4 water water
#
loop_
_entity_poly.entity_id
_entity_poly.type
_entity_poly.pdbx_seq_one_letter_code
_entity_poly.pdbx_strand_id
1 'polypeptide(L)'
;GSMAEPLKEEDGEDGSAEPPGPVKAEPAHTAASVAAKNLALLKARSFDVTFDVGDEYEIIETIGNGAYGVVSSARRRLTG
QQVAIKKIPNAFDVVTNAKRTLRELKILKHFKHDNIIAIKDILRPTVPYGEFKSVYVVLDLMESDLHQIIHSSQPLTLEH
VRYFLYQLLRGLKYMHSAQVIHRDLKPSNLLVNENCELKIGDFGMARGLCTSPAEHQYFMTEYVATRWYRAPELMLSLHE
YTQAIDLWSVGCIFGEMLARRQLFPGKNYVHQLQLIMMVLGTPSPAVIQAVGAERVRAYIQSLPPRQPVPWETVYPGADR
QALSLLGRMLRFEPSARISAAAALRHPFLAKYHDPDDEPDCAPPFDFAFDREALTRERIKEAIVAEIEDFHARREGIRQQ
IRFQPSLQPVASEPGCPDVEMPSPWAPSGDCAMSGRHHHHHH
;
A,D
2 'polypeptide(L)'
;GSVLVIRIKIPNSGAVDWTVHSGPQLLFRDVLDVIGQVLPEATTTAFEYEDEDGDRITVRSDEEMKAMLSYYYSTVMEQQ
VNGQLIEPLQIFPRACKPPGERNIHGLKVNTRAGPSQSGRHHHHHH
;
E,B
#
loop_
_chem_comp.id
_chem_comp.type
_chem_comp.name
_chem_comp.formula
ANP non-polymer 'PHOSPHOAMINOPHOSPHONIC ACID-ADENYLATE ESTER' 'C10 H17 N6 O12 P3'
#
# COMPACT_ATOMS: atom_id res chain seq x y z
N ASP A 48 6.19 -12.31 -22.94
CA ASP A 48 5.14 -12.89 -22.10
C ASP A 48 4.85 -12.09 -20.83
N VAL A 49 5.15 -10.79 -20.84
CA VAL A 49 4.84 -9.94 -19.70
C VAL A 49 3.47 -9.29 -19.91
N THR A 50 2.48 -9.84 -19.21
CA THR A 50 1.13 -9.28 -19.13
C THR A 50 0.67 -9.52 -17.71
N PHE A 51 0.30 -8.47 -16.98
CA PHE A 51 -0.06 -8.65 -15.57
C PHE A 51 -1.58 -8.63 -15.36
N ASP A 52 -2.17 -9.78 -15.03
CA ASP A 52 -3.54 -9.73 -14.53
C ASP A 52 -3.56 -10.06 -13.04
N VAL A 53 -3.61 -8.97 -12.28
CA VAL A 53 -3.57 -8.96 -10.82
C VAL A 53 -4.94 -8.69 -10.27
N GLY A 54 -5.92 -8.63 -11.17
CA GLY A 54 -7.04 -7.73 -11.07
C GLY A 54 -7.78 -7.53 -9.77
N ASP A 55 -8.15 -6.26 -9.56
CA ASP A 55 -9.10 -5.74 -8.57
C ASP A 55 -8.64 -5.59 -7.10
N GLU A 56 -7.60 -6.30 -6.68
CA GLU A 56 -6.96 -5.89 -5.43
C GLU A 56 -5.91 -4.81 -5.70
N TYR A 57 -5.29 -4.88 -6.89
CA TYR A 57 -4.17 -4.02 -7.24
C TYR A 57 -4.38 -3.31 -8.57
N GLU A 58 -3.85 -2.08 -8.66
CA GLU A 58 -3.79 -1.38 -9.95
C GLU A 58 -2.34 -1.22 -10.40
N ILE A 59 -2.04 -1.72 -11.60
CA ILE A 59 -0.70 -1.72 -12.15
C ILE A 59 -0.28 -0.33 -12.61
N ILE A 60 0.88 0.12 -12.16
CA ILE A 60 1.46 1.36 -12.66
C ILE A 60 2.84 1.10 -13.25
N GLU A 61 2.92 1.25 -14.56
CA GLU A 61 4.12 0.98 -15.39
C GLU A 61 4.84 -0.36 -15.15
N THR A 62 6.15 -0.36 -15.39
CA THR A 62 6.98 -1.54 -15.28
C THR A 62 8.30 -1.02 -14.77
N ILE A 63 8.80 -1.64 -13.71
CA ILE A 63 10.10 -1.29 -13.21
C ILE A 63 10.80 -2.63 -13.00
N GLY A 64 11.94 -2.82 -13.64
CA GLY A 64 12.66 -4.07 -13.49
C GLY A 64 12.39 -5.13 -14.55
N ASN A 65 13.45 -5.87 -14.85
CA ASN A 65 13.45 -6.99 -15.79
C ASN A 65 14.62 -7.90 -15.48
N GLY A 66 14.49 -9.16 -15.89
CA GLY A 66 15.54 -10.16 -15.70
C GLY A 66 15.12 -11.42 -16.41
N ALA A 67 15.75 -12.54 -16.07
CA ALA A 67 15.14 -13.82 -16.37
C ALA A 67 14.26 -14.18 -15.18
N TYR A 68 13.51 -15.26 -15.31
CA TYR A 68 12.63 -15.76 -14.26
C TYR A 68 11.64 -14.71 -13.75
N GLY A 69 11.44 -13.63 -14.49
CA GLY A 69 10.40 -12.68 -14.13
C GLY A 69 10.59 -11.22 -14.53
N VAL A 70 9.51 -10.46 -14.39
CA VAL A 70 9.47 -9.06 -14.70
C VAL A 70 8.69 -8.36 -13.59
N VAL A 71 9.21 -7.23 -13.14
CA VAL A 71 8.65 -6.55 -11.98
C VAL A 71 7.93 -5.28 -12.42
N SER A 72 6.90 -4.89 -11.69
CA SER A 72 6.15 -3.70 -12.03
C SER A 72 5.69 -2.98 -10.76
N SER A 73 5.58 -1.66 -10.82
CA SER A 73 5.06 -0.88 -9.73
C SER A 73 3.56 -1.10 -9.73
N ALA A 74 2.95 -1.06 -8.55
CA ALA A 74 1.51 -1.22 -8.43
C ALA A 74 1.01 -0.59 -7.15
N ARG A 75 -0.29 -0.33 -7.15
CA ARG A 75 -0.94 0.31 -6.03
C ARG A 75 -2.09 -0.58 -5.59
N ARG A 76 -2.07 -1.01 -4.33
CA ARG A 76 -3.21 -1.73 -3.75
C ARG A 76 -4.45 -0.83 -3.79
N ARG A 77 -5.50 -1.33 -4.42
CA ARG A 77 -6.60 -0.49 -4.85
C ARG A 77 -7.19 0.37 -3.75
N LEU A 78 -7.76 -0.28 -2.74
CA LEU A 78 -8.53 0.42 -1.72
C LEU A 78 -7.69 1.15 -0.69
N THR A 79 -6.54 0.59 -0.31
CA THR A 79 -5.67 1.25 0.65
C THR A 79 -4.78 2.33 0.02
N GLY A 80 -4.34 2.10 -1.22
CA GLY A 80 -3.52 3.05 -1.95
C GLY A 80 -2.06 2.85 -1.68
N GLN A 81 -1.75 1.74 -1.02
CA GLN A 81 -0.39 1.38 -0.67
C GLN A 81 0.39 0.97 -1.91
N GLN A 82 1.58 1.51 -2.07
CA GLN A 82 2.41 1.26 -3.24
C GLN A 82 3.24 -0.02 -3.09
N VAL A 83 3.17 -0.89 -4.08
CA VAL A 83 3.93 -2.14 -4.03
C VAL A 83 4.65 -2.48 -5.35
N ALA A 84 5.59 -3.40 -5.27
CA ALA A 84 6.14 -4.04 -6.44
C ALA A 84 5.43 -5.37 -6.67
N ILE A 85 5.15 -5.69 -7.92
CA ILE A 85 4.59 -7.00 -8.25
C ILE A 85 5.50 -7.67 -9.27
N LYS A 86 5.91 -8.89 -8.97
CA LYS A 86 6.86 -9.60 -9.82
C LYS A 86 6.19 -10.80 -10.45
N LYS A 87 5.98 -10.72 -11.75
CA LYS A 87 5.35 -11.82 -12.47
C LYS A 87 6.42 -12.80 -12.91
N ILE A 88 6.17 -14.08 -12.69
CA ILE A 88 7.07 -15.12 -13.13
C ILE A 88 6.29 -16.01 -14.08
N PRO A 89 6.31 -15.66 -15.38
CA PRO A 89 5.50 -16.34 -16.40
C PRO A 89 5.94 -17.77 -16.58
N ASN A 90 4.99 -18.69 -16.75
CA ASN A 90 5.25 -20.12 -16.91
C ASN A 90 6.33 -20.68 -15.98
N ALA A 91 6.10 -20.60 -14.67
CA ALA A 91 7.17 -20.79 -13.69
C ALA A 91 7.45 -22.25 -13.35
N PHE A 92 6.55 -23.13 -13.77
CA PHE A 92 6.71 -24.57 -13.60
C PHE A 92 7.17 -25.29 -14.86
N ASP A 93 7.30 -24.56 -15.96
CA ASP A 93 7.57 -25.18 -17.24
C ASP A 93 8.96 -25.81 -17.33
N VAL A 94 9.86 -25.34 -16.48
CA VAL A 94 11.23 -25.86 -16.50
C VAL A 94 11.69 -26.20 -15.10
N VAL A 95 12.03 -27.47 -14.90
CA VAL A 95 12.38 -28.04 -13.61
C VAL A 95 13.35 -27.19 -12.78
N THR A 96 14.34 -26.57 -13.41
CA THR A 96 15.29 -25.75 -12.66
C THR A 96 14.70 -24.40 -12.26
N ASN A 97 13.87 -23.84 -13.14
CA ASN A 97 13.24 -22.56 -12.86
C ASN A 97 12.21 -22.79 -11.78
N ALA A 98 11.68 -24.01 -11.79
CA ALA A 98 10.66 -24.43 -10.84
C ALA A 98 11.25 -24.47 -9.43
N LYS A 99 12.32 -25.24 -9.24
CA LYS A 99 13.06 -25.25 -7.98
C LYS A 99 13.43 -23.85 -7.54
N ARG A 100 14.03 -23.08 -8.45
CA ARG A 100 14.50 -21.73 -8.14
C ARG A 100 13.37 -20.86 -7.63
N THR A 101 12.16 -21.07 -8.14
CA THR A 101 10.98 -20.34 -7.69
C THR A 101 10.55 -20.76 -6.29
N LEU A 102 10.34 -22.07 -6.10
CA LEU A 102 10.02 -22.62 -4.79
C LEU A 102 11.07 -22.18 -3.77
N ARG A 103 12.34 -22.22 -4.18
CA ARG A 103 13.45 -21.79 -3.35
C ARG A 103 13.30 -20.33 -2.95
N GLU A 104 12.76 -19.52 -3.86
CA GLU A 104 12.67 -18.08 -3.61
C GLU A 104 11.55 -17.74 -2.64
N LEU A 105 10.40 -18.39 -2.80
CA LEU A 105 9.24 -18.24 -1.91
C LEU A 105 9.56 -18.68 -0.47
N LYS A 106 10.01 -19.92 -0.30
CA LYS A 106 10.41 -20.41 1.03
C LYS A 106 11.45 -19.55 1.74
N ILE A 107 12.41 -19.03 1.02
CA ILE A 107 13.44 -18.23 1.67
C ILE A 107 12.87 -16.90 2.16
N LEU A 108 12.06 -16.26 1.33
CA LEU A 108 11.55 -14.93 1.63
C LEU A 108 10.44 -14.97 2.68
N LYS A 109 9.76 -16.12 2.75
CA LYS A 109 8.72 -16.32 3.75
C LYS A 109 9.37 -16.45 5.11
N HIS A 110 10.51 -17.15 5.14
CA HIS A 110 11.25 -17.36 6.37
C HIS A 110 11.78 -16.08 7.01
N PHE A 111 12.13 -15.10 6.20
CA PHE A 111 12.79 -13.91 6.75
C PHE A 111 11.81 -12.78 7.03
N LYS A 112 12.05 -12.04 8.10
CA LYS A 112 11.45 -10.73 8.25
C LYS A 112 12.56 -9.86 8.77
N HIS A 113 13.05 -8.93 7.95
CA HIS A 113 14.20 -8.12 8.35
C HIS A 113 14.14 -6.90 7.48
N ASP A 114 14.53 -5.75 8.00
CA ASP A 114 14.35 -4.50 7.26
C ASP A 114 15.33 -4.38 6.11
N ASN A 115 16.39 -5.18 6.18
CA ASN A 115 17.42 -5.21 5.17
C ASN A 115 17.28 -6.38 4.16
N ILE A 116 16.20 -7.12 4.28
CA ILE A 116 15.93 -8.22 3.36
C ILE A 116 14.55 -7.99 2.76
N ILE A 117 14.43 -8.14 1.45
CA ILE A 117 13.20 -7.78 0.76
C ILE A 117 12.08 -8.73 1.16
N ALA A 118 10.88 -8.20 1.35
CA ALA A 118 9.82 -9.00 1.95
C ALA A 118 8.64 -9.23 1.06
N ILE A 119 8.10 -10.44 1.09
CA ILE A 119 6.85 -10.71 0.41
C ILE A 119 5.65 -10.20 1.21
N LYS A 120 4.95 -9.24 0.65
CA LYS A 120 3.73 -8.72 1.26
C LYS A 120 2.53 -9.57 0.89
N ASP A 121 2.54 -10.12 -0.33
CA ASP A 121 1.46 -10.97 -0.79
C ASP A 121 1.92 -11.86 -1.94
N ILE A 122 1.22 -12.98 -2.14
CA ILE A 122 1.41 -13.85 -3.29
C ILE A 122 0.04 -14.18 -3.86
N LEU A 123 -0.26 -13.71 -5.07
CA LEU A 123 -1.63 -13.78 -5.54
C LEU A 123 -2.13 -15.23 -5.68
N ARG A 124 -3.29 -15.52 -5.12
CA ARG A 124 -3.86 -16.85 -5.22
C ARG A 124 -4.17 -17.16 -6.68
N PRO A 125 -4.10 -18.45 -7.05
CA PRO A 125 -4.39 -18.83 -8.43
C PRO A 125 -5.74 -18.30 -8.91
N THR A 126 -5.74 -17.59 -10.03
CA THR A 126 -6.98 -17.05 -10.56
C THR A 126 -7.72 -18.15 -11.30
N VAL A 127 -8.93 -17.86 -11.75
CA VAL A 127 -9.81 -18.91 -12.24
C VAL A 127 -9.42 -19.35 -13.64
N PRO A 128 -9.34 -20.68 -13.86
CA PRO A 128 -9.24 -21.77 -12.89
C PRO A 128 -7.78 -22.15 -12.58
N TYR A 129 -7.59 -23.26 -11.89
CA TYR A 129 -6.30 -23.94 -11.85
C TYR A 129 -5.82 -23.96 -13.30
N GLY A 130 -6.55 -24.72 -14.12
CA GLY A 130 -6.41 -24.68 -15.56
C GLY A 130 -4.99 -24.75 -16.05
N GLU A 131 -4.21 -25.63 -15.43
CA GLU A 131 -2.77 -25.68 -15.65
C GLU A 131 -2.17 -24.31 -15.33
N PHE A 132 -2.22 -23.96 -14.04
CA PHE A 132 -1.72 -22.71 -13.49
C PHE A 132 -0.30 -22.53 -14.00
N LYS A 133 0.02 -21.33 -14.47
CA LYS A 133 1.31 -21.09 -15.13
C LYS A 133 2.13 -20.00 -14.48
N SER A 134 1.61 -18.78 -14.49
CA SER A 134 2.35 -17.63 -14.00
C SER A 134 2.10 -17.36 -12.50
N VAL A 135 3.17 -17.13 -11.75
CA VAL A 135 3.09 -16.79 -10.34
C VAL A 135 3.35 -15.30 -10.09
N TYR A 136 2.45 -14.69 -9.32
CA TYR A 136 2.55 -13.27 -8.99
C TYR A 136 2.92 -13.07 -7.51
N VAL A 137 4.04 -12.40 -7.25
CA VAL A 137 4.41 -12.08 -5.89
C VAL A 137 4.54 -10.57 -5.65
N VAL A 138 3.89 -10.10 -4.58
CA VAL A 138 3.86 -8.69 -4.20
C VAL A 138 4.94 -8.40 -3.18
N LEU A 139 5.66 -7.29 -3.35
CA LEU A 139 6.79 -6.97 -2.50
C LEU A 139 6.82 -5.49 -2.19
N ASP A 140 7.67 -5.09 -1.24
CA ASP A 140 7.94 -3.69 -0.99
C ASP A 140 8.42 -3.02 -2.28
N LEU A 141 7.88 -1.84 -2.56
CA LEU A 141 8.30 -1.09 -3.71
C LEU A 141 9.59 -0.36 -3.35
N MET A 142 10.66 -0.65 -4.09
CA MET A 142 11.95 0.01 -3.87
C MET A 142 12.23 0.89 -5.07
N GLU A 143 12.59 2.15 -4.84
CA GLU A 143 12.74 3.13 -5.91
C GLU A 143 13.92 2.88 -6.86
N SER A 144 15.05 2.43 -6.31
CA SER A 144 16.29 2.30 -7.08
C SER A 144 17.17 1.14 -6.62
N ASP A 145 18.42 1.12 -7.06
CA ASP A 145 19.35 0.14 -6.54
C ASP A 145 20.78 0.65 -6.50
N LEU A 146 21.61 -0.06 -5.75
CA LEU A 146 22.92 0.44 -5.37
C LEU A 146 23.81 0.64 -6.60
N HIS A 147 23.60 -0.20 -7.61
CA HIS A 147 24.33 -0.05 -8.84
C HIS A 147 23.98 1.27 -9.48
N GLN A 148 22.69 1.60 -9.52
CA GLN A 148 22.28 2.87 -10.09
C GLN A 148 22.82 4.02 -9.24
N ILE A 149 22.92 3.82 -7.92
CA ILE A 149 23.46 4.86 -7.04
C ILE A 149 24.97 5.02 -7.22
N ILE A 150 25.69 3.91 -7.07
CA ILE A 150 27.15 3.92 -7.20
C ILE A 150 27.53 4.60 -8.50
N HIS A 151 26.88 4.23 -9.60
CA HIS A 151 27.21 4.87 -10.85
C HIS A 151 26.20 5.93 -11.29
N SER A 152 26.46 7.18 -10.89
CA SER A 152 25.61 8.32 -11.22
C SER A 152 26.48 9.53 -10.98
N SER A 153 25.98 10.71 -11.32
CA SER A 153 26.77 11.93 -11.13
C SER A 153 26.42 12.51 -9.76
N GLN A 154 25.56 11.78 -9.08
CA GLN A 154 25.14 12.06 -7.72
C GLN A 154 26.27 11.81 -6.72
N PRO A 155 26.38 12.67 -5.70
CA PRO A 155 27.40 12.45 -4.67
C PRO A 155 27.12 11.19 -3.83
N LEU A 156 28.12 10.35 -3.66
CA LEU A 156 28.06 9.30 -2.67
C LEU A 156 29.23 9.52 -1.70
N THR A 157 28.93 10.05 -0.52
CA THR A 157 29.94 10.35 0.49
C THR A 157 30.41 9.11 1.24
N LEU A 158 31.53 9.24 1.96
CA LEU A 158 31.98 8.20 2.90
C LEU A 158 30.85 7.77 3.84
N GLU A 159 30.02 8.73 4.24
CA GLU A 159 28.91 8.43 5.13
C GLU A 159 27.83 7.57 4.49
N HIS A 160 27.58 7.77 3.20
CA HIS A 160 26.72 6.85 2.45
C HIS A 160 27.33 5.45 2.38
N VAL A 161 28.66 5.34 2.23
CA VAL A 161 29.20 3.99 2.12
C VAL A 161 29.13 3.29 3.47
N ARG A 162 29.34 4.04 4.54
CA ARG A 162 29.23 3.52 5.90
C ARG A 162 27.83 2.93 6.17
N TYR A 163 26.81 3.72 5.85
CA TYR A 163 25.43 3.34 6.15
C TYR A 163 24.88 2.26 5.23
N PHE A 164 25.37 2.23 3.99
CA PHE A 164 24.94 1.22 3.03
C PHE A 164 25.61 -0.09 3.41
N LEU A 165 26.92 -0.01 3.65
CA LEU A 165 27.66 -1.18 4.06
C LEU A 165 27.11 -1.75 5.40
N TYR A 166 26.79 -0.88 6.36
CA TYR A 166 26.21 -1.34 7.62
C TYR A 166 24.93 -2.18 7.41
N GLN A 167 23.94 -1.59 6.74
CA GLN A 167 22.67 -2.25 6.42
C GLN A 167 22.80 -3.55 5.63
N LEU A 168 23.83 -3.64 4.82
CA LEU A 168 24.04 -4.81 4.01
C LEU A 168 24.54 -5.88 4.96
N LEU A 169 25.55 -5.55 5.75
CA LEU A 169 26.10 -6.48 6.73
C LEU A 169 25.06 -6.93 7.76
N ARG A 170 24.16 -6.02 8.14
CA ARG A 170 23.07 -6.34 9.06
C ARG A 170 22.18 -7.47 8.54
N GLY A 171 21.59 -7.27 7.36
CA GLY A 171 20.76 -8.30 6.74
C GLY A 171 21.44 -9.63 6.53
N LEU A 172 22.76 -9.60 6.40
CA LEU A 172 23.55 -10.77 6.09
C LEU A 172 23.82 -11.61 7.32
N LYS A 173 24.18 -10.94 8.40
CA LYS A 173 24.31 -11.57 9.71
C LYS A 173 23.05 -12.38 9.94
N TYR A 174 21.92 -11.74 9.74
CA TYR A 174 20.64 -12.39 9.83
C TYR A 174 20.51 -13.61 8.93
N MET A 175 20.74 -13.42 7.63
CA MET A 175 20.61 -14.52 6.66
C MET A 175 21.65 -15.62 6.90
N HIS A 176 22.85 -15.24 7.33
CA HIS A 176 23.90 -16.23 7.52
C HIS A 176 23.61 -17.15 8.71
N SER A 177 23.01 -16.62 9.78
CA SER A 177 22.65 -17.45 10.95
C SER A 177 21.50 -18.43 10.69
N ALA A 178 20.67 -18.14 9.69
CA ALA A 178 19.74 -19.10 9.10
C ALA A 178 20.46 -20.18 8.31
N GLN A 179 21.79 -20.07 8.24
CA GLN A 179 22.60 -20.98 7.44
C GLN A 179 22.19 -20.86 5.97
N VAL A 180 22.12 -19.63 5.48
CA VAL A 180 21.81 -19.37 4.09
C VAL A 180 22.87 -18.47 3.45
N ILE A 181 23.41 -18.95 2.33
CA ILE A 181 24.41 -18.25 1.55
C ILE A 181 23.73 -17.71 0.31
N HIS A 182 23.77 -16.39 0.13
CA HIS A 182 23.13 -15.73 -1.03
C HIS A 182 23.74 -16.11 -2.38
N ARG A 183 25.06 -16.04 -2.46
CA ARG A 183 25.84 -16.54 -3.59
C ARG A 183 25.83 -15.71 -4.87
N ASP A 184 24.86 -14.81 -5.08
CA ASP A 184 25.07 -13.78 -6.08
C ASP A 184 24.69 -12.43 -5.51
N LEU A 185 25.65 -11.77 -4.90
CA LEU A 185 25.44 -10.49 -4.23
C LEU A 185 26.21 -9.48 -5.08
N LYS A 186 25.49 -8.53 -5.66
CA LYS A 186 26.11 -7.48 -6.48
C LYS A 186 25.28 -6.21 -6.31
N PRO A 187 25.86 -5.02 -6.60
CA PRO A 187 25.13 -3.79 -6.31
C PRO A 187 23.71 -3.70 -6.89
N SER A 188 23.46 -4.38 -8.00
CA SER A 188 22.14 -4.35 -8.60
C SER A 188 21.11 -5.21 -7.84
N ASN A 189 21.58 -6.18 -7.08
CA ASN A 189 20.70 -7.01 -6.26
C ASN A 189 20.36 -6.37 -4.90
N LEU A 190 20.92 -5.19 -4.64
CA LEU A 190 20.68 -4.48 -3.40
C LEU A 190 19.81 -3.28 -3.68
N LEU A 191 18.54 -3.36 -3.30
CA LEU A 191 17.58 -2.33 -3.62
C LEU A 191 17.73 -1.16 -2.65
N VAL A 192 17.39 0.04 -3.11
CA VAL A 192 17.65 1.24 -2.36
C VAL A 192 16.51 2.23 -2.57
N ASN A 193 16.24 3.07 -1.57
CA ASN A 193 15.27 4.14 -1.74
C ASN A 193 15.83 5.46 -1.25
N GLU A 194 15.10 6.54 -1.54
CA GLU A 194 15.54 7.91 -1.30
C GLU A 194 16.15 8.15 0.08
N ASN A 195 15.68 7.40 1.08
CA ASN A 195 16.15 7.51 2.47
C ASN A 195 17.33 6.62 2.80
N CYS A 196 17.87 5.97 1.77
CA CYS A 196 19.01 5.06 1.86
C CYS A 196 18.73 3.77 2.60
N GLU A 197 17.48 3.37 2.66
CA GLU A 197 17.19 2.01 3.06
C GLU A 197 17.78 1.05 2.04
N LEU A 198 18.45 0.00 2.51
CA LEU A 198 19.06 -0.96 1.63
C LEU A 198 18.43 -2.29 1.95
N LYS A 199 17.96 -2.99 0.94
CA LYS A 199 17.39 -4.31 1.12
C LYS A 199 17.96 -5.29 0.11
N ILE A 200 18.46 -6.40 0.62
CA ILE A 200 18.90 -7.51 -0.19
C ILE A 200 17.77 -8.20 -0.99
N GLY A 201 17.94 -8.32 -2.31
CA GLY A 201 17.06 -9.13 -3.14
C GLY A 201 17.66 -10.38 -3.77
N ASP A 202 16.90 -11.00 -4.67
CA ASP A 202 17.39 -12.05 -5.56
C ASP A 202 17.89 -13.31 -4.86
N PHE A 203 16.98 -14.08 -4.28
CA PHE A 203 17.38 -15.28 -3.56
C PHE A 203 17.37 -16.59 -4.36
N GLY A 204 17.11 -16.52 -5.66
CA GLY A 204 17.10 -17.70 -6.49
C GLY A 204 18.44 -18.43 -6.56
N MET A 205 19.53 -17.72 -6.30
CA MET A 205 20.85 -18.35 -6.35
C MET A 205 21.32 -18.91 -5.01
N ALA A 206 20.56 -18.57 -3.96
CA ALA A 206 20.90 -18.98 -2.60
C ALA A 206 20.79 -20.48 -2.39
N ARG A 207 21.79 -21.06 -1.76
CA ARG A 207 21.75 -22.44 -1.33
C ARG A 207 22.31 -22.47 0.08
N GLY A 208 21.94 -23.48 0.84
CA GLY A 208 22.33 -23.54 2.23
C GLY A 208 23.47 -24.49 2.43
N LEU A 209 23.42 -25.14 3.59
CA LEU A 209 24.30 -26.26 3.85
C LEU A 209 25.77 -25.72 3.87
N CYS A 210 26.82 -26.27 3.25
CA CYS A 210 26.91 -27.48 2.46
C CYS A 210 26.53 -28.72 3.28
N THR A 211 26.05 -29.73 2.57
CA THR A 211 25.49 -30.94 3.18
C THR A 211 26.64 -31.80 3.64
N SER A 212 26.40 -33.09 3.80
CA SER A 212 27.47 -34.04 4.05
C SER A 212 28.45 -33.92 2.85
N PRO A 213 29.57 -34.67 2.82
CA PRO A 213 30.58 -34.37 1.79
C PRO A 213 30.04 -34.26 0.35
N ALA A 214 28.87 -34.84 0.10
CA ALA A 214 28.08 -34.52 -1.09
C ALA A 214 26.84 -33.71 -0.65
N GLU A 215 26.54 -32.64 -1.37
CA GLU A 215 27.26 -32.33 -2.59
C GLU A 215 28.11 -31.07 -2.59
N HIS A 216 29.43 -31.29 -2.58
CA HIS A 216 30.39 -30.38 -3.18
C HIS A 216 30.32 -30.83 -4.63
N GLN A 217 31.20 -30.35 -5.51
CA GLN A 217 30.98 -30.67 -6.93
C GLN A 217 29.61 -30.12 -7.27
N TYR A 218 28.61 -31.01 -7.29
CA TYR A 218 27.22 -30.64 -7.59
C TYR A 218 26.65 -29.45 -6.76
N PHE A 219 27.41 -28.94 -5.80
CA PHE A 219 27.15 -27.60 -5.23
C PHE A 219 27.12 -26.49 -6.30
N MET A 220 27.86 -26.69 -7.38
CA MET A 220 28.00 -25.69 -8.44
C MET A 220 26.93 -25.79 -9.54
N THR A 221 25.97 -26.68 -9.35
CA THR A 221 24.86 -26.86 -10.28
C THR A 221 23.54 -26.52 -9.59
N GLU A 222 22.66 -25.76 -10.24
CA GLU A 222 22.91 -25.17 -11.56
C GLU A 222 23.77 -23.91 -11.44
N TYR A 223 23.23 -22.95 -10.72
CA TYR A 223 23.79 -21.63 -10.48
C TYR A 223 24.14 -20.88 -11.78
N VAL A 224 24.90 -19.80 -11.63
CA VAL A 224 25.66 -19.06 -12.61
C VAL A 224 25.87 -17.79 -11.79
N ALA A 225 26.94 -17.04 -12.01
CA ALA A 225 27.01 -15.66 -11.49
C ALA A 225 28.15 -14.93 -12.18
N THR A 226 28.08 -13.60 -12.23
CA THR A 226 29.18 -12.82 -12.78
C THR A 226 30.45 -13.14 -12.00
N ARG A 227 31.57 -13.26 -12.69
CA ARG A 227 32.81 -13.62 -12.03
C ARG A 227 33.35 -12.46 -11.20
N TRP A 228 32.80 -11.27 -11.43
CA TRP A 228 33.33 -10.05 -10.82
C TRP A 228 33.17 -10.06 -9.28
N TYR A 229 32.05 -10.58 -8.81
CA TYR A 229 31.80 -10.65 -7.40
C TYR A 229 32.05 -12.06 -6.85
N ARG A 230 32.42 -12.97 -7.75
CA ARG A 230 32.56 -14.38 -7.40
C ARG A 230 33.77 -14.65 -6.54
N ALA A 231 33.59 -15.51 -5.54
CA ALA A 231 34.60 -15.78 -4.53
C ALA A 231 35.60 -16.84 -5.00
N PRO A 232 36.86 -16.70 -4.55
CA PRO A 232 37.95 -17.60 -4.96
C PRO A 232 37.58 -19.08 -4.86
N GLU A 233 36.93 -19.49 -3.77
CA GLU A 233 36.56 -20.89 -3.57
C GLU A 233 35.52 -21.35 -4.60
N LEU A 234 34.70 -20.43 -5.07
CA LEU A 234 33.79 -20.75 -6.14
C LEU A 234 34.56 -20.77 -7.47
N MET A 235 35.59 -19.93 -7.59
CA MET A 235 36.39 -19.91 -8.81
C MET A 235 37.28 -21.15 -8.89
N LEU A 236 37.88 -21.52 -7.76
CA LEU A 236 38.91 -22.54 -7.73
C LEU A 236 38.47 -23.94 -7.31
N SER A 237 37.17 -24.12 -7.06
CA SER A 237 36.64 -25.42 -6.63
C SER A 237 37.41 -25.89 -5.40
N LEU A 238 37.43 -25.05 -4.37
CA LEU A 238 38.29 -25.27 -3.22
C LEU A 238 37.70 -26.28 -2.23
N HIS A 239 36.50 -26.79 -2.53
CA HIS A 239 35.87 -27.82 -1.70
C HIS A 239 35.55 -27.28 -0.27
N GLU A 240 35.49 -25.96 -0.15
CA GLU A 240 35.09 -25.32 1.09
C GLU A 240 34.12 -24.18 0.78
N TYR A 241 32.84 -24.38 1.07
CA TYR A 241 31.83 -23.40 0.68
C TYR A 241 31.00 -23.02 1.90
N THR A 242 31.16 -21.78 2.36
CA THR A 242 30.45 -21.32 3.54
C THR A 242 29.85 -19.96 3.31
N GLN A 243 29.25 -19.40 4.35
CA GLN A 243 28.74 -18.04 4.33
C GLN A 243 29.83 -17.03 3.94
N ALA A 244 31.08 -17.43 4.07
CA ALA A 244 32.22 -16.59 3.67
C ALA A 244 32.16 -16.23 2.19
N ILE A 245 31.52 -17.09 1.40
CA ILE A 245 31.29 -16.84 -0.03
C ILE A 245 30.71 -15.45 -0.26
N ASP A 246 29.70 -15.10 0.53
CA ASP A 246 29.05 -13.81 0.43
C ASP A 246 29.97 -12.68 0.83
N LEU A 247 30.91 -12.95 1.73
CA LEU A 247 31.72 -11.87 2.25
C LEU A 247 32.83 -11.42 1.31
N TRP A 248 33.16 -12.25 0.34
CA TRP A 248 34.05 -11.83 -0.70
C TRP A 248 33.27 -10.80 -1.52
N SER A 249 32.03 -11.14 -1.83
CA SER A 249 31.18 -10.23 -2.61
C SER A 249 31.03 -8.87 -1.95
N VAL A 250 30.85 -8.84 -0.62
CA VAL A 250 30.73 -7.59 0.14
C VAL A 250 31.97 -6.72 -0.03
N GLY A 251 33.15 -7.31 0.13
CA GLY A 251 34.42 -6.62 -0.11
C GLY A 251 34.48 -5.97 -1.48
N CYS A 252 34.01 -6.68 -2.50
CA CYS A 252 33.97 -6.15 -3.87
C CYS A 252 33.03 -4.96 -3.94
N ILE A 253 31.88 -5.07 -3.27
CA ILE A 253 30.87 -4.03 -3.27
C ILE A 253 31.38 -2.82 -2.49
N PHE A 254 32.10 -3.11 -1.42
CA PHE A 254 32.64 -2.10 -0.54
C PHE A 254 33.68 -1.30 -1.34
N GLY A 255 34.64 -2.01 -1.92
CA GLY A 255 35.61 -1.38 -2.81
C GLY A 255 34.96 -0.61 -3.95
N GLU A 256 33.92 -1.19 -4.54
CA GLU A 256 33.19 -0.51 -5.60
C GLU A 256 32.65 0.85 -5.18
N MET A 257 32.06 0.94 -3.99
CA MET A 257 31.49 2.19 -3.44
C MET A 257 32.53 3.28 -3.16
N LEU A 258 33.70 2.87 -2.71
CA LEU A 258 34.80 3.81 -2.48
C LEU A 258 35.31 4.42 -3.79
N ALA A 259 35.64 3.57 -4.77
CA ALA A 259 36.19 4.06 -6.05
C ALA A 259 35.14 4.45 -7.07
N ARG A 260 33.91 4.01 -6.85
CA ARG A 260 32.82 4.16 -7.82
C ARG A 260 33.14 3.51 -9.15
N ARG A 261 33.91 2.43 -9.11
CA ARG A 261 34.10 1.56 -10.28
C ARG A 261 34.31 0.12 -9.85
N GLN A 262 33.94 -0.82 -10.72
CA GLN A 262 34.04 -2.25 -10.39
C GLN A 262 35.46 -2.60 -9.98
N LEU A 263 35.63 -3.44 -8.95
CA LEU A 263 36.98 -3.75 -8.45
C LEU A 263 37.72 -4.74 -9.33
N PHE A 264 37.05 -5.84 -9.70
CA PHE A 264 37.64 -6.85 -10.57
C PHE A 264 36.77 -7.18 -11.78
N PRO A 265 36.72 -6.28 -12.77
CA PRO A 265 35.83 -6.53 -13.91
C PRO A 265 36.48 -7.41 -14.98
N GLY A 266 36.74 -8.66 -14.64
CA GLY A 266 37.34 -9.63 -15.55
C GLY A 266 36.56 -9.89 -16.82
N LYS A 267 37.27 -9.98 -17.93
CA LYS A 267 36.66 -10.17 -19.22
C LYS A 267 36.41 -11.64 -19.56
N ASN A 268 37.07 -12.53 -18.80
CA ASN A 268 36.87 -13.98 -18.90
C ASN A 268 37.57 -14.67 -17.75
N TYR A 269 37.56 -15.99 -17.69
CA TYR A 269 38.03 -16.70 -16.50
C TYR A 269 39.46 -16.40 -16.00
N VAL A 270 40.51 -16.61 -16.81
CA VAL A 270 41.84 -16.37 -16.25
C VAL A 270 42.11 -14.88 -16.02
N HIS A 271 41.56 -14.02 -16.88
CA HIS A 271 41.62 -12.58 -16.61
C HIS A 271 41.05 -12.20 -15.23
N GLN A 272 39.92 -12.80 -14.86
CA GLN A 272 39.35 -12.57 -13.54
C GLN A 272 40.34 -13.05 -12.48
N LEU A 273 40.82 -14.26 -12.68
CA LEU A 273 41.76 -14.89 -11.79
C LEU A 273 43.00 -14.02 -11.68
N GLN A 274 43.37 -13.35 -12.78
CA GLN A 274 44.55 -12.50 -12.83
C GLN A 274 44.38 -11.13 -12.18
N LEU A 275 43.25 -10.47 -12.47
CA LEU A 275 42.96 -9.15 -11.93
C LEU A 275 43.00 -9.17 -10.42
N ILE A 276 42.45 -10.23 -9.85
CA ILE A 276 42.47 -10.45 -8.40
C ILE A 276 43.89 -10.58 -7.91
N MET A 277 44.61 -11.52 -8.51
CA MET A 277 45.99 -11.79 -8.12
C MET A 277 46.91 -10.58 -8.25
N MET A 278 46.51 -9.58 -9.05
CA MET A 278 47.29 -8.35 -9.15
C MET A 278 47.38 -7.66 -7.80
N VAL A 279 46.22 -7.39 -7.21
CA VAL A 279 46.18 -6.72 -5.92
C VAL A 279 46.44 -7.65 -4.72
N LEU A 280 45.93 -8.88 -4.76
CA LEU A 280 46.10 -9.78 -3.61
C LEU A 280 47.42 -10.54 -3.60
N GLY A 281 48.12 -10.54 -4.73
CA GLY A 281 49.27 -11.40 -4.87
C GLY A 281 48.77 -12.80 -5.17
N THR A 282 49.70 -13.74 -5.37
CA THR A 282 49.36 -15.13 -5.64
C THR A 282 48.93 -15.87 -4.38
N PRO A 283 48.06 -16.89 -4.53
CA PRO A 283 47.58 -17.65 -3.37
C PRO A 283 48.67 -18.54 -2.79
N SER A 284 48.75 -18.61 -1.46
CA SER A 284 49.77 -19.38 -0.76
C SER A 284 49.72 -20.83 -1.19
N PRO A 285 50.82 -21.56 -1.03
CA PRO A 285 50.86 -22.95 -1.47
C PRO A 285 49.70 -23.78 -0.93
N ALA A 286 49.27 -23.51 0.29
CA ALA A 286 48.22 -24.30 0.92
C ALA A 286 46.89 -24.20 0.17
N VAL A 287 46.58 -23.01 -0.33
CA VAL A 287 45.38 -22.83 -1.15
C VAL A 287 45.62 -23.29 -2.58
N ILE A 288 46.82 -23.00 -3.09
CA ILE A 288 47.20 -23.44 -4.43
C ILE A 288 47.09 -24.96 -4.52
N GLN A 289 47.37 -25.65 -3.41
CA GLN A 289 47.26 -27.10 -3.37
C GLN A 289 45.83 -27.54 -3.04
N ALA A 290 45.00 -26.58 -2.65
CA ALA A 290 43.60 -26.88 -2.32
C ALA A 290 42.67 -26.78 -3.53
N VAL A 291 43.24 -26.51 -4.71
CA VAL A 291 42.44 -26.33 -5.92
C VAL A 291 41.97 -27.66 -6.48
N GLY A 292 40.68 -27.74 -6.78
CA GLY A 292 40.07 -29.01 -7.10
C GLY A 292 40.00 -29.43 -8.56
N ALA A 293 40.42 -28.59 -9.50
CA ALA A 293 40.17 -28.93 -10.91
C ALA A 293 41.05 -28.31 -12.00
N GLU A 294 40.96 -28.96 -13.18
CA GLU A 294 41.35 -28.53 -14.56
C GLU A 294 42.73 -28.72 -15.25
N ARG A 295 43.83 -28.91 -14.52
CA ARG A 295 44.01 -28.31 -13.24
C ARG A 295 44.28 -26.83 -13.49
N VAL A 296 43.50 -25.97 -12.83
CA VAL A 296 43.80 -24.53 -12.76
C VAL A 296 44.92 -24.45 -11.74
N ARG A 297 45.00 -25.49 -10.93
CA ARG A 297 46.14 -25.76 -10.07
C ARG A 297 47.39 -25.64 -10.93
N ALA A 298 47.37 -26.28 -12.10
CA ALA A 298 48.34 -25.97 -13.16
C ALA A 298 47.95 -24.63 -13.76
N TYR A 299 48.95 -23.76 -13.96
CA TYR A 299 48.81 -22.31 -14.19
C TYR A 299 48.65 -21.55 -12.89
N ILE A 300 48.26 -22.25 -11.83
CA ILE A 300 48.51 -21.71 -10.51
C ILE A 300 49.94 -22.10 -10.17
N GLN A 301 50.28 -23.36 -10.43
CA GLN A 301 51.62 -23.84 -10.19
C GLN A 301 52.59 -23.07 -11.06
N SER A 302 52.10 -22.66 -12.23
CA SER A 302 52.85 -21.76 -13.10
C SER A 302 52.77 -20.35 -12.56
N LEU A 303 53.29 -19.39 -13.33
CA LEU A 303 53.34 -17.97 -12.97
C LEU A 303 54.31 -17.67 -11.83
N PRO A 304 54.90 -16.47 -11.84
CA PRO A 304 55.78 -16.09 -10.74
C PRO A 304 54.93 -15.83 -9.51
N PRO A 305 55.40 -16.27 -8.35
CA PRO A 305 54.66 -15.92 -7.13
C PRO A 305 54.67 -14.40 -6.98
N ARG A 306 53.50 -13.79 -6.84
CA ARG A 306 53.42 -12.33 -6.72
C ARG A 306 53.18 -11.95 -5.27
N GLN A 307 53.19 -10.65 -5.00
CA GLN A 307 52.97 -10.17 -3.64
C GLN A 307 51.71 -9.29 -3.59
N PRO A 308 51.10 -9.20 -2.40
CA PRO A 308 49.90 -8.35 -2.29
C PRO A 308 50.22 -6.87 -2.49
N VAL A 309 49.25 -6.11 -2.98
CA VAL A 309 49.37 -4.65 -3.03
C VAL A 309 48.53 -4.08 -1.87
N PRO A 310 49.17 -3.28 -1.00
CA PRO A 310 48.46 -2.73 0.16
C PRO A 310 47.27 -1.90 -0.30
N TRP A 311 46.10 -2.08 0.35
CA TRP A 311 44.89 -1.41 -0.08
C TRP A 311 45.06 0.10 -0.05
N GLU A 312 46.03 0.55 0.71
CA GLU A 312 46.38 1.96 0.78
C GLU A 312 46.91 2.52 -0.55
N THR A 313 47.57 1.70 -1.37
CA THR A 313 47.90 2.16 -2.72
C THR A 313 46.74 1.98 -3.72
N VAL A 314 46.06 0.84 -3.67
CA VAL A 314 44.92 0.61 -4.58
C VAL A 314 43.75 1.61 -4.38
N TYR A 315 43.59 2.09 -3.14
CA TYR A 315 42.66 3.18 -2.85
C TYR A 315 43.40 4.27 -2.06
N PRO A 316 44.21 5.07 -2.76
CA PRO A 316 45.17 6.00 -2.17
C PRO A 316 44.52 6.98 -1.21
N GLY A 317 43.41 7.56 -1.62
CA GLY A 317 42.80 8.63 -0.86
C GLY A 317 41.69 8.22 0.07
N ALA A 318 41.69 6.95 0.49
CA ALA A 318 40.53 6.33 1.14
C ALA A 318 40.64 6.22 2.66
N ASP A 319 39.49 6.26 3.34
CA ASP A 319 39.48 6.21 4.79
C ASP A 319 40.27 5.03 5.37
N ARG A 320 41.08 5.37 6.36
CA ARG A 320 41.89 4.44 7.13
C ARG A 320 41.10 3.21 7.60
N GLN A 321 39.95 3.46 8.22
CA GLN A 321 39.16 2.38 8.80
C GLN A 321 38.49 1.53 7.73
N ALA A 322 37.92 2.20 6.73
CA ALA A 322 37.21 1.49 5.66
C ALA A 322 38.15 0.48 5.03
N LEU A 323 39.39 0.89 4.78
CA LEU A 323 40.37 0.03 4.13
C LEU A 323 40.74 -1.15 5.02
N SER A 324 40.87 -0.90 6.32
CA SER A 324 41.14 -1.95 7.30
C SER A 324 40.07 -3.04 7.34
N LEU A 325 38.81 -2.65 7.17
CA LEU A 325 37.73 -3.61 7.15
C LEU A 325 37.69 -4.30 5.79
N LEU A 326 37.89 -3.52 4.72
CA LEU A 326 37.92 -4.06 3.35
C LEU A 326 38.96 -5.16 3.26
N GLY A 327 40.13 -4.92 3.85
CA GLY A 327 41.18 -5.91 3.90
C GLY A 327 40.78 -7.22 4.57
N ARG A 328 40.01 -7.12 5.67
CA ARG A 328 39.59 -8.29 6.43
C ARG A 328 38.58 -9.16 5.67
N MET A 329 37.85 -8.54 4.74
CA MET A 329 36.93 -9.28 3.86
C MET A 329 37.54 -9.96 2.62
N LEU A 330 38.53 -9.36 1.99
CA LEU A 330 39.02 -9.94 0.75
C LEU A 330 40.29 -10.74 1.00
N ARG A 331 40.13 -12.07 1.01
CA ARG A 331 41.22 -13.00 1.26
C ARG A 331 40.88 -14.29 0.53
N PHE A 332 41.92 -14.96 0.04
CA PHE A 332 41.76 -16.16 -0.77
C PHE A 332 41.10 -17.26 0.06
N GLU A 333 41.69 -17.55 1.22
CA GLU A 333 41.14 -18.55 2.12
C GLU A 333 39.88 -18.05 2.82
N PRO A 334 38.75 -18.77 2.62
CA PRO A 334 37.44 -18.38 3.18
C PRO A 334 37.50 -18.23 4.70
N SER A 335 38.34 -19.03 5.34
CA SER A 335 38.48 -19.04 6.79
C SER A 335 39.24 -17.84 7.39
N ALA A 336 39.92 -17.06 6.57
CA ALA A 336 40.58 -15.87 7.07
C ALA A 336 39.69 -14.65 6.90
N ARG A 337 38.57 -14.85 6.21
CA ARG A 337 37.65 -13.77 5.98
C ARG A 337 36.83 -13.52 7.23
N ILE A 338 36.81 -12.26 7.64
CA ILE A 338 36.01 -11.79 8.75
C ILE A 338 34.56 -12.19 8.49
N SER A 339 33.81 -12.47 9.55
CA SER A 339 32.38 -12.77 9.40
C SER A 339 31.57 -11.48 9.29
N ALA A 340 30.38 -11.56 8.69
CA ALA A 340 29.45 -10.44 8.75
C ALA A 340 29.16 -10.03 10.21
N ALA A 341 28.98 -11.01 11.10
CA ALA A 341 28.71 -10.74 12.52
C ALA A 341 29.83 -9.93 13.20
N ALA A 342 31.07 -10.27 12.89
CA ALA A 342 32.25 -9.57 13.42
C ALA A 342 32.53 -8.27 12.69
N ALA A 343 32.13 -8.21 11.43
CA ALA A 343 32.35 -7.01 10.65
C ALA A 343 31.46 -5.90 11.16
N LEU A 344 30.26 -6.28 11.60
CA LEU A 344 29.34 -5.35 12.27
C LEU A 344 29.96 -4.67 13.50
N ARG A 345 31.00 -5.29 14.06
CA ARG A 345 31.71 -4.72 15.20
C ARG A 345 32.98 -3.94 14.85
N HIS A 346 33.34 -3.89 13.57
CA HIS A 346 34.51 -3.13 13.15
C HIS A 346 34.30 -1.65 13.43
N PRO A 347 35.36 -0.95 13.89
CA PRO A 347 35.36 0.49 14.18
C PRO A 347 34.78 1.35 13.06
N PHE A 348 34.89 0.89 11.82
CA PHE A 348 34.38 1.65 10.69
C PHE A 348 32.87 1.85 10.76
N LEU A 349 32.19 0.84 11.32
CA LEU A 349 30.76 0.86 11.43
C LEU A 349 30.29 1.29 12.84
N ALA A 350 31.23 1.64 13.71
CA ALA A 350 30.96 1.87 15.14
C ALA A 350 29.79 2.82 15.40
N LYS A 351 29.66 3.84 14.55
CA LYS A 351 28.57 4.82 14.58
C LYS A 351 27.19 4.17 14.56
N TYR A 352 27.02 3.14 13.74
CA TYR A 352 25.72 2.47 13.61
C TYR A 352 25.54 1.18 14.39
N HIS A 353 26.60 0.68 14.98
CA HIS A 353 26.52 -0.63 15.58
C HIS A 353 25.58 -0.70 16.79
N ASP A 354 24.64 -1.61 16.74
CA ASP A 354 23.71 -1.86 17.83
C ASP A 354 23.51 -3.36 18.07
N PRO A 355 24.25 -3.92 19.05
CA PRO A 355 24.16 -5.35 19.35
C PRO A 355 22.70 -5.82 19.47
N ASP A 356 21.86 -5.06 20.15
CA ASP A 356 20.46 -5.46 20.30
C ASP A 356 19.64 -5.39 19.03
N ASP A 357 20.06 -4.52 18.11
CA ASP A 357 19.35 -4.32 16.84
C ASP A 357 19.88 -5.18 15.69
N GLU A 358 20.76 -6.12 16.00
CA GLU A 358 21.30 -6.98 14.95
C GLU A 358 20.97 -8.45 15.16
N PRO A 359 19.69 -8.82 14.97
CA PRO A 359 19.20 -10.18 15.20
C PRO A 359 19.81 -11.30 14.38
N ASP A 360 19.84 -12.47 15.01
CA ASP A 360 20.01 -13.70 14.26
C ASP A 360 18.62 -14.09 13.81
N CYS A 361 18.56 -15.09 12.92
CA CYS A 361 17.29 -15.59 12.37
C CYS A 361 16.91 -16.84 13.15
N ALA A 362 15.79 -16.78 13.86
CA ALA A 362 15.62 -17.70 14.97
C ALA A 362 15.64 -19.21 14.65
N PRO A 363 14.63 -19.76 13.95
CA PRO A 363 15.05 -21.10 13.52
C PRO A 363 15.88 -20.99 12.24
N PRO A 364 16.90 -21.84 12.09
CA PRO A 364 17.66 -21.85 10.83
C PRO A 364 16.77 -22.31 9.70
N PHE A 365 16.98 -21.79 8.49
CA PHE A 365 16.27 -22.25 7.31
C PHE A 365 16.64 -23.68 7.01
N ASP A 366 15.64 -24.48 6.64
CA ASP A 366 15.84 -25.89 6.35
C ASP A 366 15.84 -26.14 4.85
N PHE A 367 17.02 -26.46 4.30
CA PHE A 367 17.19 -26.53 2.85
C PHE A 367 16.96 -27.92 2.25
N ALA A 368 16.72 -28.93 3.08
CA ALA A 368 16.25 -30.21 2.57
C ALA A 368 14.86 -29.90 2.06
N PHE A 369 14.38 -30.67 1.09
CA PHE A 369 13.52 -30.19 -0.02
C PHE A 369 14.34 -29.84 -1.25
N ASP A 370 15.66 -30.00 -1.16
CA ASP A 370 16.53 -29.85 -2.33
C ASP A 370 15.97 -30.71 -3.45
N ARG A 371 15.70 -30.06 -4.57
CA ARG A 371 14.90 -30.62 -5.66
C ARG A 371 15.65 -31.22 -6.86
N GLU A 372 16.97 -31.42 -6.72
CA GLU A 372 17.88 -31.62 -7.86
C GLU A 372 17.37 -32.53 -8.98
N ALA A 373 16.68 -33.62 -8.65
CA ALA A 373 15.92 -34.34 -9.68
C ALA A 373 14.44 -34.07 -9.49
N LEU A 374 13.81 -34.76 -8.52
CA LEU A 374 12.56 -34.30 -7.91
C LEU A 374 11.50 -33.75 -8.87
N THR A 375 10.74 -34.63 -9.49
CA THR A 375 9.97 -34.31 -10.71
C THR A 375 9.19 -32.99 -10.71
N ARG A 376 9.20 -32.34 -11.87
CA ARG A 376 8.66 -31.00 -12.08
C ARG A 376 7.25 -30.78 -11.53
N GLU A 377 6.40 -31.80 -11.58
CA GLU A 377 5.02 -31.66 -11.12
C GLU A 377 4.92 -31.53 -9.62
N ARG A 378 5.66 -32.37 -8.90
CA ARG A 378 5.68 -32.32 -7.44
C ARG A 378 6.21 -30.97 -6.96
N ILE A 379 6.98 -30.30 -7.81
CA ILE A 379 7.51 -28.98 -7.49
C ILE A 379 6.39 -27.96 -7.61
N LYS A 380 5.62 -28.05 -8.69
CA LYS A 380 4.47 -27.19 -8.85
C LYS A 380 3.55 -27.32 -7.63
N GLU A 381 3.40 -28.54 -7.15
CA GLU A 381 2.54 -28.84 -6.01
C GLU A 381 3.03 -28.06 -4.81
N ALA A 382 4.34 -28.09 -4.58
CA ALA A 382 4.91 -27.39 -3.43
C ALA A 382 4.81 -25.86 -3.54
N ILE A 383 5.02 -25.31 -4.74
CA ILE A 383 4.86 -23.89 -4.96
C ILE A 383 3.41 -23.50 -4.68
N VAL A 384 2.49 -24.36 -5.14
CA VAL A 384 1.08 -24.19 -4.83
C VAL A 384 0.83 -24.46 -3.34
N ALA A 385 1.66 -25.30 -2.74
CA ALA A 385 1.57 -25.59 -1.32
C ALA A 385 1.90 -24.34 -0.50
N GLU A 386 2.92 -23.58 -0.94
CA GLU A 386 3.07 -22.20 -0.48
C GLU A 386 1.97 -21.43 -1.20
N ILE A 387 1.81 -20.15 -0.90
CA ILE A 387 0.73 -19.31 -1.46
C ILE A 387 -0.62 -19.65 -0.85
N GLU A 388 -0.78 -20.90 -0.41
CA GLU A 388 -2.05 -21.36 0.13
C GLU A 388 -1.85 -21.23 1.63
N ASP A 389 -0.84 -21.94 2.12
CA ASP A 389 -0.32 -21.74 3.46
C ASP A 389 -0.10 -20.26 3.75
N PHE A 390 0.42 -19.50 2.79
CA PHE A 390 0.68 -18.08 3.04
C PHE A 390 -0.59 -17.35 3.42
N HIS A 391 -1.64 -17.56 2.62
CA HIS A 391 -2.95 -17.02 2.95
C HIS A 391 -3.63 -17.69 4.15
N ALA A 392 -3.35 -18.98 4.33
CA ALA A 392 -4.05 -19.77 5.33
C ALA A 392 -3.49 -19.52 6.73
N ARG A 393 -2.38 -18.80 6.80
CA ARG A 393 -1.80 -18.42 8.07
C ARG A 393 -2.44 -17.15 8.62
N ARG A 394 -3.46 -16.64 7.96
CA ARG A 394 -4.38 -15.68 8.58
C ARG A 394 -5.82 -16.20 8.34
N GLU A 395 -6.57 -16.67 9.35
CA GLU A 395 -6.29 -16.58 10.81
C GLU A 395 -6.40 -15.18 11.50
N GLY A 396 -7.46 -14.42 11.22
CA GLY A 396 -7.81 -13.47 12.27
C GLY A 396 -8.25 -14.46 13.33
N ILE A 397 -7.36 -14.69 14.28
CA ILE A 397 -7.54 -15.63 15.39
C ILE A 397 -7.61 -14.90 16.73
N ARG A 398 -7.67 -13.58 16.67
CA ARG A 398 -7.41 -12.75 17.82
C ARG A 398 -8.47 -11.67 17.98
N GLN A 399 -8.54 -11.08 19.16
CA GLN A 399 -9.45 -9.97 19.41
C GLN A 399 -8.71 -8.82 20.06
N GLN A 400 -9.07 -7.60 19.71
CA GLN A 400 -8.39 -6.44 20.28
C GLN A 400 -9.30 -5.68 21.25
N ILE A 401 -8.83 -5.45 22.46
CA ILE A 401 -9.65 -4.76 23.46
C ILE A 401 -9.90 -3.31 23.05
N ARG A 402 -11.16 -2.89 23.15
CA ARG A 402 -11.59 -1.57 22.66
C ARG A 402 -11.09 -0.41 23.53
N VAL B 49 -29.56 33.09 13.65
CA VAL B 49 -29.53 31.87 12.85
C VAL B 49 -30.05 32.12 11.43
N THR B 50 -30.80 33.20 11.26
CA THR B 50 -31.39 33.52 9.96
C THR B 50 -30.35 34.09 8.99
N PHE B 51 -30.26 33.48 7.81
CA PHE B 51 -29.19 33.76 6.87
C PHE B 51 -29.40 35.07 6.11
N ASP B 52 -28.32 35.80 5.88
CA ASP B 52 -28.31 36.96 4.98
C ASP B 52 -27.10 36.91 4.06
N VAL B 53 -27.34 36.77 2.75
CA VAL B 53 -26.26 36.72 1.78
C VAL B 53 -26.01 38.10 1.21
N GLY B 54 -24.75 38.39 0.89
CA GLY B 54 -24.37 39.67 0.34
C GLY B 54 -24.92 39.82 -1.07
N ASP B 55 -24.52 40.89 -1.75
CA ASP B 55 -25.02 41.15 -3.10
C ASP B 55 -24.62 40.04 -4.07
N GLU B 56 -25.38 39.95 -5.16
CA GLU B 56 -25.23 38.94 -6.20
C GLU B 56 -25.96 37.62 -5.93
N TYR B 57 -26.58 37.50 -4.76
CA TYR B 57 -27.41 36.32 -4.49
C TYR B 57 -28.80 36.64 -3.92
N GLU B 58 -29.82 36.33 -4.73
CA GLU B 58 -31.23 36.57 -4.42
C GLU B 58 -32.03 36.12 -5.64
N ILE B 59 -33.33 35.86 -5.49
CA ILE B 59 -34.02 35.83 -4.20
C ILE B 59 -33.74 34.49 -3.54
N ILE B 60 -34.29 34.29 -2.34
CA ILE B 60 -34.02 33.06 -1.59
C ILE B 60 -35.29 32.25 -1.30
N GLU B 61 -35.12 31.16 -0.54
CA GLU B 61 -36.23 30.38 -0.01
C GLU B 61 -35.68 29.60 1.20
N THR B 62 -36.52 28.86 1.91
CA THR B 62 -36.03 28.07 3.05
C THR B 62 -36.26 26.57 2.90
N ILE B 63 -35.16 25.83 2.71
CA ILE B 63 -35.21 24.39 2.51
C ILE B 63 -34.54 23.69 3.70
N GLY B 64 -34.32 22.40 3.58
CA GLY B 64 -34.06 21.52 4.72
C GLY B 64 -33.06 21.93 5.79
N ASN B 65 -33.32 21.45 7.01
CA ASN B 65 -32.52 21.76 8.18
C ASN B 65 -31.83 20.50 8.68
N GLY B 66 -30.77 20.66 9.45
CA GLY B 66 -30.09 19.53 10.06
C GLY B 66 -29.47 19.92 11.39
N ALA B 67 -28.76 18.99 12.00
CA ALA B 67 -27.89 19.33 13.11
C ALA B 67 -26.86 20.26 12.51
N TYR B 68 -26.35 21.20 13.30
CA TYR B 68 -25.49 22.28 12.78
C TYR B 68 -26.25 23.16 11.77
N GLY B 69 -25.70 23.29 10.56
CA GLY B 69 -26.22 24.24 9.58
C GLY B 69 -27.57 23.98 8.94
N VAL B 70 -28.20 25.05 8.45
CA VAL B 70 -29.46 24.97 7.72
C VAL B 70 -29.24 25.42 6.28
N VAL B 71 -30.06 24.92 5.36
CA VAL B 71 -29.92 25.29 3.96
C VAL B 71 -31.01 26.28 3.55
N SER B 72 -30.88 26.81 2.35
CA SER B 72 -31.84 27.75 1.78
C SER B 72 -31.77 27.70 0.24
N SER B 73 -32.91 27.78 -0.42
CA SER B 73 -32.93 27.87 -1.88
C SER B 73 -32.60 29.31 -2.28
N ALA B 74 -32.04 29.51 -3.47
CA ALA B 74 -31.65 30.85 -3.93
C ALA B 74 -31.56 31.01 -5.45
N ARG B 75 -31.07 32.17 -5.89
CA ARG B 75 -30.90 32.48 -7.32
C ARG B 75 -29.71 33.41 -7.54
N ARG B 76 -29.09 33.36 -8.72
CA ARG B 76 -27.88 34.15 -8.95
C ARG B 76 -28.16 35.62 -9.31
N ARG B 77 -27.10 36.41 -9.39
CA ARG B 77 -27.21 37.83 -9.72
C ARG B 77 -27.77 38.07 -11.12
N LEU B 78 -26.91 37.83 -12.10
CA LEU B 78 -27.28 37.94 -13.51
C LEU B 78 -27.92 36.66 -14.01
N THR B 79 -27.32 35.54 -13.64
CA THR B 79 -27.75 34.22 -14.12
C THR B 79 -29.16 33.90 -13.69
N GLY B 80 -29.42 34.02 -12.39
CA GLY B 80 -30.74 33.83 -11.83
C GLY B 80 -31.16 32.38 -11.68
N GLN B 81 -30.37 31.46 -12.23
CA GLN B 81 -30.67 30.04 -12.15
C GLN B 81 -30.61 29.58 -10.69
N GLN B 82 -31.30 28.49 -10.39
CA GLN B 82 -31.45 28.05 -9.00
C GLN B 82 -30.16 27.62 -8.30
N VAL B 83 -30.15 27.79 -6.99
CA VAL B 83 -28.97 27.56 -6.16
C VAL B 83 -29.37 27.17 -4.74
N ALA B 84 -28.56 26.32 -4.10
CA ALA B 84 -28.70 26.08 -2.67
C ALA B 84 -27.59 26.81 -1.92
N ILE B 85 -27.92 27.40 -0.78
CA ILE B 85 -26.91 28.01 0.08
C ILE B 85 -26.97 27.40 1.47
N LYS B 86 -25.82 27.09 2.05
CA LYS B 86 -25.77 26.47 3.36
C LYS B 86 -25.07 27.34 4.39
N LYS B 87 -25.85 27.84 5.35
CA LYS B 87 -25.32 28.66 6.43
C LYS B 87 -24.79 27.80 7.56
N ILE B 88 -23.55 28.07 7.95
CA ILE B 88 -22.91 27.40 9.07
C ILE B 88 -22.49 28.45 10.08
N PRO B 89 -23.36 28.69 11.07
CA PRO B 89 -23.31 29.75 12.09
C PRO B 89 -22.24 29.51 13.14
N ASN B 90 -21.03 30.01 12.89
CA ASN B 90 -19.91 29.83 13.80
C ASN B 90 -19.53 28.37 13.98
N ALA B 91 -18.97 27.80 12.92
CA ALA B 91 -18.40 26.47 12.94
C ALA B 91 -17.09 26.45 13.72
N PHE B 92 -16.67 27.61 14.18
CA PHE B 92 -15.48 27.73 15.03
C PHE B 92 -15.83 27.71 16.51
N ASP B 93 -17.11 27.53 16.82
CA ASP B 93 -17.55 27.50 18.22
C ASP B 93 -16.89 26.34 18.96
N VAL B 94 -17.14 25.12 18.48
CA VAL B 94 -16.58 23.92 19.09
C VAL B 94 -15.48 23.31 18.23
N VAL B 95 -14.42 22.84 18.86
CA VAL B 95 -13.28 22.22 18.16
C VAL B 95 -13.70 21.00 17.34
N THR B 96 -14.85 20.43 17.67
CA THR B 96 -15.44 19.37 16.86
C THR B 96 -16.02 20.03 15.61
N ASN B 97 -16.94 20.96 15.82
CA ASN B 97 -17.53 21.75 14.74
C ASN B 97 -16.49 22.46 13.86
N ALA B 98 -15.30 22.70 14.42
CA ALA B 98 -14.17 23.32 13.71
C ALA B 98 -13.43 22.30 12.83
N LYS B 99 -13.41 21.06 13.29
CA LYS B 99 -13.10 19.90 12.46
C LYS B 99 -14.41 19.69 11.73
N ARG B 100 -14.66 18.51 11.18
CA ARG B 100 -15.99 18.31 10.62
C ARG B 100 -16.15 19.34 9.50
N THR B 101 -16.83 20.44 9.80
CA THR B 101 -16.98 21.54 8.85
C THR B 101 -15.69 21.88 8.08
N LEU B 102 -14.54 21.81 8.73
CA LEU B 102 -13.27 21.83 8.01
C LEU B 102 -13.25 20.70 6.99
N ARG B 103 -13.32 19.46 7.48
CA ARG B 103 -13.33 18.27 6.63
C ARG B 103 -14.35 18.33 5.49
N GLU B 104 -15.56 18.78 5.82
CA GLU B 104 -16.61 18.92 4.81
C GLU B 104 -16.14 19.79 3.64
N LEU B 105 -15.47 20.89 3.95
CA LEU B 105 -14.95 21.77 2.91
C LEU B 105 -13.77 21.14 2.16
N LYS B 106 -12.80 20.63 2.91
CA LYS B 106 -11.65 19.99 2.29
C LYS B 106 -12.05 18.83 1.34
N ILE B 107 -13.07 18.08 1.72
CA ILE B 107 -13.55 16.94 0.95
C ILE B 107 -14.40 17.32 -0.26
N LEU B 108 -15.32 18.26 -0.08
CA LEU B 108 -16.20 18.64 -1.20
C LEU B 108 -15.44 19.38 -2.29
N LYS B 109 -14.41 20.13 -1.89
CA LYS B 109 -13.59 20.85 -2.84
C LYS B 109 -12.75 19.86 -3.65
N HIS B 110 -12.48 18.71 -3.05
CA HIS B 110 -11.66 17.68 -3.68
C HIS B 110 -12.35 16.84 -4.76
N PHE B 111 -13.57 16.37 -4.49
CA PHE B 111 -14.29 15.53 -5.44
C PHE B 111 -14.86 16.34 -6.60
N LYS B 112 -14.78 15.79 -7.82
CA LYS B 112 -15.62 16.27 -8.90
C LYS B 112 -16.30 15.08 -9.54
N HIS B 113 -17.61 14.96 -9.32
CA HIS B 113 -18.35 13.79 -9.75
C HIS B 113 -19.81 14.18 -9.87
N ASP B 114 -20.55 13.52 -10.75
CA ASP B 114 -21.94 13.89 -10.95
C ASP B 114 -22.88 13.29 -9.89
N ASN B 115 -22.39 12.29 -9.18
CA ASN B 115 -23.10 11.71 -8.03
C ASN B 115 -22.62 12.17 -6.65
N ILE B 116 -21.73 13.14 -6.60
CA ILE B 116 -21.33 13.68 -5.31
C ILE B 116 -21.66 15.15 -5.38
N ILE B 117 -22.27 15.64 -4.32
CA ILE B 117 -22.74 17.01 -4.29
C ILE B 117 -21.54 17.96 -4.44
N ALA B 118 -21.77 19.06 -5.15
CA ALA B 118 -20.68 19.94 -5.55
C ALA B 118 -20.81 21.34 -4.92
N ILE B 119 -19.67 21.96 -4.62
CA ILE B 119 -19.67 23.34 -4.13
C ILE B 119 -19.48 24.26 -5.32
N LYS B 120 -20.49 25.06 -5.62
CA LYS B 120 -20.38 26.06 -6.67
C LYS B 120 -19.64 27.30 -6.18
N ASP B 121 -19.84 27.67 -4.91
CA ASP B 121 -19.16 28.81 -4.31
C ASP B 121 -19.03 28.65 -2.79
N ILE B 122 -17.96 29.17 -2.19
CA ILE B 122 -17.93 29.40 -0.75
C ILE B 122 -17.94 30.91 -0.56
N LEU B 123 -19.05 31.42 -0.03
CA LEU B 123 -19.29 32.85 -0.13
C LEU B 123 -18.38 33.70 0.75
N ARG B 124 -18.59 35.00 0.67
CA ARG B 124 -17.62 36.01 1.09
C ARG B 124 -17.12 35.86 2.53
N PRO B 125 -15.79 35.89 2.70
CA PRO B 125 -15.05 35.65 3.94
C PRO B 125 -15.52 36.29 5.27
N THR B 126 -16.09 37.50 5.35
CA THR B 126 -16.12 38.50 4.29
C THR B 126 -15.50 39.79 4.82
N VAL B 127 -16.29 40.55 5.58
CA VAL B 127 -15.82 41.79 6.19
C VAL B 127 -14.88 41.66 7.41
N PRO B 128 -15.34 40.96 8.48
CA PRO B 128 -14.60 41.01 9.73
C PRO B 128 -13.63 39.86 9.98
N TYR B 129 -12.97 39.91 11.13
CA TYR B 129 -12.23 38.77 11.67
C TYR B 129 -12.56 38.68 13.16
N GLY B 130 -13.17 37.56 13.57
CA GLY B 130 -13.59 37.38 14.95
C GLY B 130 -14.52 38.46 15.46
N GLU B 131 -15.70 38.62 14.85
CA GLU B 131 -16.26 37.67 13.92
C GLU B 131 -16.95 38.40 12.77
N PHE B 132 -17.00 37.85 11.55
CA PHE B 132 -16.41 36.57 11.09
C PHE B 132 -16.84 35.30 11.81
N LYS B 133 -18.12 34.95 11.71
CA LYS B 133 -18.64 33.80 12.43
C LYS B 133 -19.33 32.78 11.52
N SER B 134 -20.42 33.19 10.89
CA SER B 134 -21.22 32.30 10.07
C SER B 134 -20.59 32.00 8.70
N VAL B 135 -20.47 30.72 8.37
CA VAL B 135 -19.89 30.29 7.10
C VAL B 135 -20.95 29.84 6.09
N TYR B 136 -20.95 30.49 4.93
CA TYR B 136 -21.90 30.16 3.87
C TYR B 136 -21.24 29.30 2.80
N VAL B 137 -21.96 28.31 2.27
CA VAL B 137 -21.48 27.58 1.09
C VAL B 137 -22.60 27.39 0.06
N VAL B 138 -22.30 27.67 -1.19
CA VAL B 138 -23.29 27.55 -2.27
C VAL B 138 -23.17 26.22 -2.99
N LEU B 139 -24.22 25.40 -2.91
CA LEU B 139 -24.17 24.06 -3.47
C LEU B 139 -25.09 23.94 -4.68
N ASP B 140 -25.09 22.77 -5.30
CA ASP B 140 -26.03 22.45 -6.36
C ASP B 140 -27.41 22.37 -5.74
N LEU B 141 -28.42 22.80 -6.45
CA LEU B 141 -29.75 22.75 -5.88
C LEU B 141 -30.38 21.41 -6.22
N MET B 142 -30.62 20.62 -5.18
CA MET B 142 -31.31 19.35 -5.33
C MET B 142 -32.64 19.51 -4.61
N GLU B 143 -33.72 19.22 -5.31
CA GLU B 143 -35.04 19.58 -4.84
C GLU B 143 -35.60 18.64 -3.77
N SER B 144 -34.99 17.48 -3.61
CA SER B 144 -35.44 16.48 -2.62
C SER B 144 -34.33 15.52 -2.22
N ASP B 145 -34.69 14.45 -1.51
CA ASP B 145 -33.77 13.36 -1.23
C ASP B 145 -34.50 12.01 -1.29
N LEU B 146 -33.80 10.92 -1.00
CA LEU B 146 -34.33 9.58 -1.20
C LEU B 146 -35.32 9.16 -0.11
N HIS B 147 -35.22 9.78 1.06
CA HIS B 147 -36.15 9.44 2.12
C HIS B 147 -37.55 9.90 1.73
N GLN B 148 -37.66 11.19 1.41
CA GLN B 148 -38.92 11.77 0.95
C GLN B 148 -39.49 10.92 -0.19
N ILE B 149 -38.67 10.62 -1.19
CA ILE B 149 -39.09 9.78 -2.31
C ILE B 149 -39.59 8.40 -1.85
N ILE B 150 -38.70 7.61 -1.25
CA ILE B 150 -39.03 6.23 -0.87
C ILE B 150 -40.35 6.14 -0.11
N HIS B 151 -40.55 7.00 0.88
CA HIS B 151 -41.78 6.89 1.64
C HIS B 151 -42.75 7.93 1.10
N SER B 152 -43.59 7.48 0.17
CA SER B 152 -44.57 8.31 -0.51
C SER B 152 -45.59 7.48 -1.26
N SER B 153 -46.71 8.11 -1.61
CA SER B 153 -47.76 7.42 -2.33
C SER B 153 -47.38 7.35 -3.80
N GLN B 154 -46.22 7.93 -4.10
CA GLN B 154 -45.66 7.94 -5.45
C GLN B 154 -44.92 6.65 -5.76
N PRO B 155 -45.18 6.06 -6.94
CA PRO B 155 -44.55 4.79 -7.34
C PRO B 155 -43.05 4.89 -7.37
N LEU B 156 -42.37 3.91 -6.77
CA LEU B 156 -40.95 3.73 -6.98
C LEU B 156 -40.82 2.38 -7.67
N THR B 157 -40.59 2.37 -8.97
CA THR B 157 -40.59 1.09 -9.70
C THR B 157 -39.22 0.45 -9.58
N LEU B 158 -39.05 -0.75 -10.13
CA LEU B 158 -37.77 -1.47 -10.04
C LEU B 158 -36.69 -0.69 -10.77
N GLU B 159 -37.06 -0.13 -11.93
CA GLU B 159 -36.12 0.63 -12.74
C GLU B 159 -35.63 1.87 -12.02
N HIS B 160 -36.48 2.46 -11.18
CA HIS B 160 -36.05 3.55 -10.30
C HIS B 160 -34.95 3.08 -9.37
N VAL B 161 -35.22 2.02 -8.62
CA VAL B 161 -34.27 1.59 -7.60
C VAL B 161 -32.94 1.18 -8.22
N ARG B 162 -33.02 0.52 -9.38
CA ARG B 162 -31.83 0.13 -10.13
C ARG B 162 -30.98 1.35 -10.47
N TYR B 163 -31.64 2.35 -11.05
CA TYR B 163 -30.97 3.58 -11.43
C TYR B 163 -30.39 4.31 -10.21
N PHE B 164 -31.19 4.48 -9.16
CA PHE B 164 -30.72 5.08 -7.89
C PHE B 164 -29.54 4.33 -7.28
N LEU B 165 -29.67 3.00 -7.19
CA LEU B 165 -28.58 2.16 -6.69
C LEU B 165 -27.32 2.35 -7.52
N TYR B 166 -27.49 2.48 -8.85
CA TYR B 166 -26.37 2.61 -9.77
C TYR B 166 -25.62 3.89 -9.55
N GLN B 167 -26.35 5.01 -9.54
CA GLN B 167 -25.74 6.32 -9.35
C GLN B 167 -25.02 6.39 -8.00
N LEU B 168 -25.57 5.69 -7.02
CA LEU B 168 -25.05 5.73 -5.68
C LEU B 168 -23.75 4.94 -5.60
N LEU B 169 -23.71 3.75 -6.18
CA LEU B 169 -22.49 2.94 -6.18
C LEU B 169 -21.41 3.60 -7.05
N ARG B 170 -21.87 4.34 -8.05
CA ARG B 170 -20.97 5.11 -8.90
C ARG B 170 -20.22 6.13 -8.06
N GLY B 171 -20.96 6.89 -7.25
CA GLY B 171 -20.36 7.90 -6.40
C GLY B 171 -19.38 7.31 -5.41
N LEU B 172 -19.65 6.08 -4.98
CA LEU B 172 -18.83 5.42 -3.96
C LEU B 172 -17.54 4.79 -4.49
N LYS B 173 -17.60 4.17 -5.67
CA LYS B 173 -16.37 3.75 -6.35
C LYS B 173 -15.40 4.92 -6.40
N TYR B 174 -15.89 6.05 -6.85
CA TYR B 174 -15.10 7.26 -6.90
C TYR B 174 -14.56 7.63 -5.52
N MET B 175 -15.45 7.68 -4.53
CA MET B 175 -15.11 8.18 -3.20
C MET B 175 -14.20 7.20 -2.48
N HIS B 176 -14.50 5.91 -2.62
CA HIS B 176 -13.69 4.87 -1.98
C HIS B 176 -12.29 4.83 -2.55
N SER B 177 -12.17 4.99 -3.87
CA SER B 177 -10.85 5.05 -4.51
C SER B 177 -10.03 6.23 -4.04
N ALA B 178 -10.69 7.23 -3.45
CA ALA B 178 -9.97 8.36 -2.84
C ALA B 178 -9.63 8.09 -1.37
N GLN B 179 -9.91 6.86 -0.92
CA GLN B 179 -9.71 6.47 0.48
C GLN B 179 -10.63 7.23 1.46
N VAL B 180 -11.85 7.52 1.04
CA VAL B 180 -12.79 8.14 1.93
C VAL B 180 -13.95 7.20 2.24
N ILE B 181 -14.22 7.02 3.53
CA ILE B 181 -15.39 6.28 4.01
C ILE B 181 -16.41 7.30 4.47
N HIS B 182 -17.62 7.21 3.94
CA HIS B 182 -18.68 8.18 4.27
C HIS B 182 -19.20 8.06 5.71
N ARG B 183 -19.60 6.84 6.08
CA ARG B 183 -20.06 6.46 7.43
C ARG B 183 -21.47 6.92 7.84
N ASP B 184 -21.98 7.94 7.16
CA ASP B 184 -23.34 8.46 7.36
C ASP B 184 -24.36 8.13 6.29
N LEU B 185 -24.12 7.13 5.45
CA LEU B 185 -25.05 6.91 4.34
C LEU B 185 -26.43 6.48 4.82
N LYS B 186 -27.41 7.30 4.46
CA LYS B 186 -28.82 6.98 4.57
C LYS B 186 -29.55 7.78 3.46
N PRO B 187 -30.75 7.33 3.05
CA PRO B 187 -31.54 7.99 2.00
C PRO B 187 -31.70 9.50 2.15
N SER B 188 -31.87 9.98 3.37
CA SER B 188 -32.02 11.40 3.62
C SER B 188 -30.74 12.18 3.28
N ASN B 189 -29.62 11.47 3.21
CA ASN B 189 -28.34 12.11 2.89
C ASN B 189 -28.06 11.98 1.40
N LEU B 190 -28.96 11.30 0.70
CA LEU B 190 -28.85 11.17 -0.73
C LEU B 190 -29.80 12.12 -1.44
N LEU B 191 -29.27 13.21 -1.99
CA LEU B 191 -30.12 14.21 -2.62
C LEU B 191 -30.57 13.77 -4.00
N VAL B 192 -31.77 14.17 -4.37
CA VAL B 192 -32.42 13.66 -5.56
C VAL B 192 -33.27 14.76 -6.17
N ASN B 193 -33.30 14.84 -7.50
CA ASN B 193 -34.20 15.78 -8.16
C ASN B 193 -35.23 15.09 -9.07
N GLU B 194 -36.10 15.89 -9.66
CA GLU B 194 -37.20 15.38 -10.49
C GLU B 194 -36.80 14.40 -11.60
N ASN B 195 -35.56 14.52 -12.08
CA ASN B 195 -35.05 13.64 -13.13
C ASN B 195 -34.31 12.40 -12.61
N CYS B 196 -34.40 12.17 -11.31
CA CYS B 196 -33.73 11.03 -10.67
C CYS B 196 -32.22 11.09 -10.69
N GLU B 197 -31.67 12.29 -10.82
CA GLU B 197 -30.26 12.50 -10.50
C GLU B 197 -30.07 12.30 -9.02
N LEU B 198 -29.01 11.61 -8.62
CA LEU B 198 -28.77 11.44 -7.19
C LEU B 198 -27.33 11.78 -6.84
N LYS B 199 -27.17 12.63 -5.83
CA LYS B 199 -25.87 13.03 -5.33
C LYS B 199 -25.66 12.75 -3.84
N ILE B 200 -24.56 12.07 -3.53
CA ILE B 200 -24.22 11.86 -2.13
C ILE B 200 -23.94 13.20 -1.44
N GLY B 201 -24.66 13.48 -0.35
CA GLY B 201 -24.38 14.65 0.46
C GLY B 201 -23.83 14.33 1.83
N ASP B 202 -23.80 15.33 2.70
CA ASP B 202 -23.51 15.14 4.11
C ASP B 202 -22.16 14.47 4.42
N PHE B 203 -21.07 15.22 4.29
CA PHE B 203 -19.73 14.66 4.52
C PHE B 203 -19.11 14.93 5.88
N GLY B 204 -19.85 15.57 6.79
CA GLY B 204 -19.36 15.91 8.11
C GLY B 204 -18.87 14.74 8.94
N MET B 205 -19.42 13.56 8.69
CA MET B 205 -19.02 12.35 9.40
C MET B 205 -17.99 11.56 8.60
N ALA B 206 -17.69 12.01 7.38
CA ALA B 206 -16.74 11.29 6.54
C ALA B 206 -15.40 11.30 7.24
N ARG B 207 -14.76 10.15 7.18
CA ARG B 207 -13.50 9.92 7.87
C ARG B 207 -12.82 8.74 7.20
N GLY B 208 -11.90 8.17 7.95
CA GLY B 208 -11.47 6.81 7.76
C GLY B 208 -10.16 6.73 7.07
N LEU B 209 -9.35 5.76 7.49
CA LEU B 209 -8.02 5.55 6.93
C LEU B 209 -7.73 4.06 6.62
N CYS B 210 -7.49 3.17 7.59
CA CYS B 210 -7.36 3.34 9.06
C CYS B 210 -5.91 3.36 9.56
N THR B 211 -5.15 2.32 9.24
CA THR B 211 -3.74 2.15 9.67
C THR B 211 -3.48 1.88 11.16
N SER B 212 -2.74 2.77 11.84
CA SER B 212 -2.23 2.51 13.20
C SER B 212 -3.29 2.05 14.21
N PRO B 213 -2.88 1.25 15.23
CA PRO B 213 -3.82 0.75 16.24
C PRO B 213 -4.45 1.86 17.06
N ALA B 214 -3.67 2.90 17.35
CA ALA B 214 -4.19 4.09 18.00
C ALA B 214 -5.28 4.75 17.16
N GLU B 215 -5.18 4.61 15.83
CA GLU B 215 -6.19 5.17 14.93
C GLU B 215 -7.52 4.41 15.07
N HIS B 216 -7.46 3.15 15.50
CA HIS B 216 -8.68 2.46 15.87
C HIS B 216 -8.96 2.83 17.32
N GLN B 217 -10.14 2.41 17.79
CA GLN B 217 -10.65 2.72 19.12
C GLN B 217 -10.89 4.23 19.31
N TYR B 218 -10.14 5.02 18.56
CA TYR B 218 -10.40 6.45 18.38
C TYR B 218 -11.07 6.66 17.04
N PHE B 219 -11.27 5.57 16.30
CA PHE B 219 -11.94 5.65 15.02
C PHE B 219 -13.36 6.14 15.25
N MET B 220 -13.95 5.76 16.37
CA MET B 220 -15.22 6.37 16.70
C MET B 220 -14.98 7.26 17.90
N THR B 221 -14.63 8.50 17.57
CA THR B 221 -14.90 9.72 18.33
C THR B 221 -14.94 10.78 17.22
N GLU B 222 -15.95 11.63 17.20
CA GLU B 222 -17.15 11.45 17.96
C GLU B 222 -18.01 10.38 17.26
N TYR B 223 -18.07 10.44 15.93
CA TYR B 223 -18.90 9.54 15.14
C TYR B 223 -20.35 9.36 15.66
N VAL B 224 -21.21 10.34 15.43
CA VAL B 224 -22.63 10.13 15.73
C VAL B 224 -23.45 9.86 14.47
N ALA B 225 -23.89 8.62 14.29
CA ALA B 225 -24.84 8.24 13.23
C ALA B 225 -25.91 7.29 13.79
N THR B 226 -27.05 7.25 13.12
CA THR B 226 -28.12 6.35 13.54
C THR B 226 -27.64 4.92 13.43
N ARG B 227 -28.23 4.02 14.20
CA ARG B 227 -27.81 2.63 14.17
C ARG B 227 -28.40 1.93 12.96
N TRP B 228 -29.42 2.56 12.39
CA TRP B 228 -30.25 1.89 11.39
C TRP B 228 -29.44 1.40 10.19
N TYR B 229 -28.53 2.25 9.74
CA TYR B 229 -27.66 1.92 8.61
C TYR B 229 -26.25 1.49 9.02
N ARG B 230 -26.03 1.36 10.32
CA ARG B 230 -24.70 1.07 10.87
C ARG B 230 -24.19 -0.35 10.66
N ALA B 231 -23.01 -0.46 10.06
CA ALA B 231 -22.36 -1.74 9.78
C ALA B 231 -22.03 -2.52 11.04
N PRO B 232 -22.04 -3.86 10.94
CA PRO B 232 -21.67 -4.79 12.03
C PRO B 232 -20.31 -4.52 12.66
N GLU B 233 -19.31 -4.17 11.85
CA GLU B 233 -17.97 -3.98 12.39
C GLU B 233 -17.97 -2.83 13.36
N LEU B 234 -18.86 -1.88 13.14
CA LEU B 234 -18.95 -0.74 14.03
C LEU B 234 -19.79 -1.11 15.25
N MET B 235 -20.89 -1.80 15.00
CA MET B 235 -21.73 -2.37 16.06
C MET B 235 -20.92 -3.27 16.98
N LEU B 236 -20.05 -4.06 16.37
CA LEU B 236 -19.38 -5.12 17.12
C LEU B 236 -17.97 -4.80 17.60
N SER B 237 -17.50 -3.58 17.33
CA SER B 237 -16.09 -3.25 17.53
C SER B 237 -15.19 -4.33 16.93
N LEU B 238 -15.47 -4.70 15.68
CA LEU B 238 -14.66 -5.71 14.97
C LEU B 238 -13.22 -5.36 14.60
N HIS B 239 -12.84 -4.10 14.78
CA HIS B 239 -11.47 -3.61 14.59
C HIS B 239 -11.01 -3.40 13.14
N GLU B 240 -11.71 -3.98 12.17
CA GLU B 240 -11.34 -3.71 10.80
C GLU B 240 -12.34 -2.78 10.13
N TYR B 241 -11.88 -1.55 9.90
CA TYR B 241 -12.72 -0.45 9.47
C TYR B 241 -12.23 0.10 8.15
N THR B 242 -13.03 -0.13 7.11
CA THR B 242 -12.64 0.21 5.75
C THR B 242 -13.87 0.67 4.99
N GLN B 243 -13.70 0.82 3.68
CA GLN B 243 -14.76 1.25 2.79
C GLN B 243 -15.93 0.27 2.81
N ALA B 244 -15.70 -0.91 3.39
CA ALA B 244 -16.71 -1.96 3.38
C ALA B 244 -17.92 -1.61 4.31
N ILE B 245 -17.69 -0.73 5.27
CA ILE B 245 -18.78 -0.27 6.12
C ILE B 245 -19.84 0.50 5.34
N ASP B 246 -19.42 1.28 4.36
CA ASP B 246 -20.34 2.01 3.50
C ASP B 246 -21.25 1.04 2.75
N LEU B 247 -20.75 -0.15 2.46
CA LEU B 247 -21.58 -1.10 1.71
C LEU B 247 -22.66 -1.80 2.56
N TRP B 248 -22.43 -1.97 3.86
CA TRP B 248 -23.51 -2.43 4.73
C TRP B 248 -24.68 -1.47 4.61
N SER B 249 -24.43 -0.19 4.87
CA SER B 249 -25.45 0.84 4.67
C SER B 249 -26.13 0.76 3.28
N VAL B 250 -25.33 0.68 2.20
CA VAL B 250 -25.89 0.62 0.85
C VAL B 250 -26.86 -0.55 0.74
N GLY B 251 -26.48 -1.70 1.28
CA GLY B 251 -27.41 -2.81 1.40
C GLY B 251 -28.71 -2.45 2.11
N CYS B 252 -28.62 -1.73 3.24
CA CYS B 252 -29.84 -1.38 3.97
C CYS B 252 -30.71 -0.41 3.14
N ILE B 253 -30.09 0.60 2.55
CA ILE B 253 -30.79 1.52 1.66
C ILE B 253 -31.42 0.81 0.45
N PHE B 254 -30.74 -0.22 -0.04
CA PHE B 254 -31.17 -0.93 -1.24
C PHE B 254 -32.42 -1.72 -0.87
N GLY B 255 -32.32 -2.52 0.19
CA GLY B 255 -33.46 -3.29 0.66
C GLY B 255 -34.64 -2.41 1.09
N GLU B 256 -34.33 -1.23 1.61
CA GLU B 256 -35.35 -0.25 1.93
C GLU B 256 -36.13 0.12 0.69
N MET B 257 -35.43 0.39 -0.40
CA MET B 257 -36.10 0.76 -1.65
C MET B 257 -36.97 -0.39 -2.15
N LEU B 258 -36.51 -1.62 -1.97
CA LEU B 258 -37.29 -2.77 -2.42
C LEU B 258 -38.61 -2.92 -1.63
N ALA B 259 -38.54 -2.83 -0.30
CA ALA B 259 -39.75 -2.96 0.52
C ALA B 259 -40.43 -1.64 0.82
N ARG B 260 -39.76 -0.53 0.49
CA ARG B 260 -40.20 0.81 0.87
C ARG B 260 -40.41 0.98 2.38
N ARG B 261 -39.63 0.21 3.16
CA ARG B 261 -39.61 0.32 4.62
C ARG B 261 -38.20 -0.09 5.11
N GLN B 262 -37.74 0.55 6.19
CA GLN B 262 -36.39 0.31 6.70
C GLN B 262 -36.12 -1.15 6.98
N LEU B 263 -34.94 -1.62 6.62
CA LEU B 263 -34.57 -3.01 6.85
C LEU B 263 -34.43 -3.32 8.34
N PHE B 264 -33.71 -2.49 9.09
CA PHE B 264 -33.51 -2.74 10.52
C PHE B 264 -33.63 -1.45 11.28
N PRO B 265 -34.85 -1.06 11.65
CA PRO B 265 -35.02 0.16 12.44
C PRO B 265 -34.95 -0.16 13.93
N GLY B 266 -33.76 -0.47 14.42
CA GLY B 266 -33.58 -0.80 15.83
C GLY B 266 -34.12 0.26 16.77
N LYS B 267 -34.79 -0.18 17.83
CA LYS B 267 -35.35 0.75 18.80
C LYS B 267 -34.25 1.26 19.72
N ASN B 268 -33.16 0.51 19.78
CA ASN B 268 -32.02 0.77 20.64
C ASN B 268 -30.94 -0.28 20.39
N TYR B 269 -29.75 -0.11 20.95
CA TYR B 269 -28.59 -0.92 20.59
C TYR B 269 -28.75 -2.45 20.56
N VAL B 270 -29.20 -3.02 21.67
CA VAL B 270 -29.38 -4.47 21.76
C VAL B 270 -30.42 -4.90 20.74
N HIS B 271 -31.39 -4.03 20.47
CA HIS B 271 -32.49 -4.37 19.58
C HIS B 271 -32.02 -4.34 18.12
N GLN B 272 -31.27 -3.30 17.80
CA GLN B 272 -30.65 -3.15 16.52
C GLN B 272 -29.91 -4.45 16.23
N LEU B 273 -29.21 -4.91 17.27
CA LEU B 273 -28.44 -6.14 17.19
C LEU B 273 -29.37 -7.33 16.87
N GLN B 274 -30.55 -7.35 17.48
CA GLN B 274 -31.46 -8.48 17.30
C GLN B 274 -32.07 -8.48 15.89
N LEU B 275 -32.60 -7.33 15.49
CA LEU B 275 -33.13 -7.16 14.14
C LEU B 275 -32.14 -7.61 13.04
N ILE B 276 -30.86 -7.29 13.19
CA ILE B 276 -29.89 -7.76 12.21
C ILE B 276 -29.84 -9.27 12.32
N MET B 277 -29.63 -9.72 13.55
CA MET B 277 -29.32 -11.11 13.84
C MET B 277 -30.45 -12.08 13.47
N MET B 278 -31.69 -11.62 13.32
CA MET B 278 -32.70 -12.57 12.96
C MET B 278 -33.06 -12.74 11.48
N VAL B 279 -32.62 -11.83 10.62
CA VAL B 279 -32.55 -12.17 9.19
C VAL B 279 -31.22 -12.82 8.78
N LEU B 280 -30.12 -12.32 9.34
CA LEU B 280 -28.79 -12.87 9.00
C LEU B 280 -28.43 -14.08 9.85
N GLY B 281 -29.25 -14.37 10.86
CA GLY B 281 -28.92 -15.44 11.79
C GLY B 281 -27.85 -14.95 12.74
N THR B 282 -27.38 -15.81 13.63
CA THR B 282 -26.31 -15.44 14.52
C THR B 282 -24.97 -15.44 13.76
N PRO B 283 -24.03 -14.57 14.18
CA PRO B 283 -22.68 -14.55 13.61
C PRO B 283 -22.00 -15.89 13.78
N SER B 284 -21.00 -16.15 12.95
CA SER B 284 -20.21 -17.36 13.07
C SER B 284 -19.30 -17.22 14.27
N PRO B 285 -18.79 -18.34 14.80
CA PRO B 285 -17.86 -18.31 15.91
C PRO B 285 -16.61 -17.45 15.66
N ALA B 286 -16.18 -17.36 14.41
CA ALA B 286 -15.00 -16.54 14.13
C ALA B 286 -15.26 -15.05 14.43
N VAL B 287 -16.44 -14.56 14.08
CA VAL B 287 -16.76 -13.16 14.33
C VAL B 287 -17.17 -12.92 15.80
N ILE B 288 -17.76 -13.92 16.42
CA ILE B 288 -18.12 -13.81 17.83
C ILE B 288 -16.86 -13.68 18.68
N GLN B 289 -15.78 -14.34 18.25
CA GLN B 289 -14.50 -14.30 18.96
C GLN B 289 -13.92 -12.90 18.84
N ALA B 290 -14.20 -12.27 17.71
CA ALA B 290 -13.60 -11.00 17.36
C ALA B 290 -14.31 -9.81 17.99
N VAL B 291 -15.41 -10.05 18.70
CA VAL B 291 -16.14 -8.95 19.31
C VAL B 291 -15.32 -8.38 20.48
N GLY B 292 -15.00 -7.10 20.36
CA GLY B 292 -13.97 -6.52 21.18
C GLY B 292 -14.50 -5.62 22.27
N ALA B 293 -15.76 -5.85 22.63
CA ALA B 293 -16.39 -4.97 23.60
C ALA B 293 -17.23 -5.71 24.61
N GLU B 294 -17.81 -4.87 25.50
CA GLU B 294 -18.73 -5.21 26.61
C GLU B 294 -18.36 -6.19 27.74
N ARG B 295 -18.92 -7.39 27.81
CA ARG B 295 -19.17 -8.26 26.66
C ARG B 295 -20.54 -8.19 26.01
N VAL B 296 -20.57 -7.64 24.81
CA VAL B 296 -21.66 -7.81 23.89
C VAL B 296 -21.27 -9.16 23.30
N ARG B 297 -19.97 -9.45 23.36
CA ARG B 297 -19.46 -10.75 23.00
C ARG B 297 -20.26 -11.77 23.79
N ALA B 298 -20.33 -11.61 25.10
CA ALA B 298 -21.27 -12.43 25.77
C ALA B 298 -22.53 -11.61 26.01
N TYR B 299 -23.42 -11.64 25.02
CA TYR B 299 -24.87 -11.51 25.14
C TYR B 299 -25.26 -12.50 24.06
N ILE B 300 -24.79 -12.20 22.85
CA ILE B 300 -25.06 -13.00 21.66
C ILE B 300 -24.52 -14.42 21.80
N GLN B 301 -23.45 -14.58 22.57
CA GLN B 301 -22.92 -15.90 22.91
C GLN B 301 -23.98 -16.75 23.60
N SER B 302 -24.88 -16.09 24.35
CA SER B 302 -25.90 -16.74 25.16
C SER B 302 -27.28 -16.85 24.47
N LEU B 303 -27.35 -16.39 23.23
CA LEU B 303 -28.55 -16.56 22.44
C LEU B 303 -28.48 -17.94 21.83
N PRO B 304 -29.63 -18.51 21.46
CA PRO B 304 -29.63 -19.77 20.71
C PRO B 304 -29.17 -19.54 19.30
N PRO B 305 -28.31 -20.44 18.80
CA PRO B 305 -27.79 -20.43 17.44
C PRO B 305 -28.93 -20.31 16.44
N ARG B 306 -28.78 -19.46 15.43
CA ARG B 306 -29.85 -19.26 14.47
C ARG B 306 -29.31 -19.21 13.03
N GLN B 307 -29.89 -20.04 12.15
CA GLN B 307 -29.55 -20.00 10.73
C GLN B 307 -30.14 -18.76 10.10
N PRO B 308 -29.53 -18.29 9.01
CA PRO B 308 -30.00 -17.07 8.37
C PRO B 308 -31.26 -17.33 7.58
N VAL B 309 -32.10 -16.32 7.46
CA VAL B 309 -33.29 -16.41 6.62
C VAL B 309 -32.95 -15.90 5.20
N PRO B 310 -33.22 -16.73 4.18
CA PRO B 310 -32.90 -16.36 2.80
C PRO B 310 -33.68 -15.11 2.36
N TRP B 311 -33.00 -14.23 1.65
CA TRP B 311 -33.56 -12.96 1.20
C TRP B 311 -34.83 -13.13 0.38
N GLU B 312 -35.07 -14.34 -0.10
CA GLU B 312 -36.22 -14.64 -0.94
C GLU B 312 -37.51 -14.60 -0.12
N THR B 313 -37.41 -14.96 1.16
CA THR B 313 -38.53 -14.80 2.06
C THR B 313 -38.67 -13.39 2.65
N VAL B 314 -37.56 -12.77 3.03
CA VAL B 314 -37.67 -11.42 3.62
C VAL B 314 -38.24 -10.38 2.63
N TYR B 315 -37.86 -10.52 1.35
CA TYR B 315 -38.53 -9.79 0.26
C TYR B 315 -39.16 -10.80 -0.69
N PRO B 316 -40.36 -11.26 -0.36
CA PRO B 316 -40.99 -12.36 -1.09
C PRO B 316 -41.11 -12.15 -2.61
N GLY B 317 -41.46 -10.96 -3.08
CA GLY B 317 -41.67 -10.77 -4.51
C GLY B 317 -40.55 -10.12 -5.33
N ALA B 318 -39.37 -9.94 -4.72
CA ALA B 318 -38.30 -9.15 -5.33
C ALA B 318 -37.57 -9.82 -6.51
N ASP B 319 -36.94 -8.97 -7.32
CA ASP B 319 -36.19 -9.42 -8.50
C ASP B 319 -35.00 -10.29 -8.08
N ARG B 320 -34.82 -11.43 -8.76
CA ARG B 320 -33.81 -12.41 -8.36
C ARG B 320 -32.38 -11.85 -8.35
N GLN B 321 -32.06 -11.04 -9.35
CA GLN B 321 -30.72 -10.48 -9.46
C GLN B 321 -30.52 -9.38 -8.45
N ALA B 322 -31.60 -8.69 -8.10
CA ALA B 322 -31.52 -7.67 -7.06
C ALA B 322 -31.13 -8.32 -5.75
N LEU B 323 -31.86 -9.37 -5.37
CA LEU B 323 -31.57 -10.08 -4.13
C LEU B 323 -30.20 -10.73 -4.15
N SER B 324 -29.74 -11.13 -5.33
CA SER B 324 -28.40 -11.70 -5.45
C SER B 324 -27.35 -10.67 -5.07
N LEU B 325 -27.53 -9.45 -5.56
CA LEU B 325 -26.61 -8.37 -5.24
C LEU B 325 -26.82 -7.87 -3.80
N LEU B 326 -28.07 -7.90 -3.34
CA LEU B 326 -28.36 -7.53 -1.94
C LEU B 326 -27.63 -8.49 -1.01
N GLY B 327 -27.71 -9.78 -1.32
CA GLY B 327 -26.95 -10.80 -0.60
C GLY B 327 -25.44 -10.60 -0.48
N ARG B 328 -24.82 -9.93 -1.45
CA ARG B 328 -23.37 -9.74 -1.42
C ARG B 328 -22.95 -8.48 -0.67
N MET B 329 -23.88 -7.55 -0.47
CA MET B 329 -23.59 -6.39 0.38
C MET B 329 -23.81 -6.60 1.90
N LEU B 330 -24.83 -7.39 2.25
CA LEU B 330 -25.20 -7.52 3.66
C LEU B 330 -24.67 -8.81 4.28
N ARG B 331 -23.54 -8.67 4.95
CA ARG B 331 -22.78 -9.80 5.48
C ARG B 331 -22.02 -9.31 6.69
N PHE B 332 -21.83 -10.17 7.67
CA PHE B 332 -21.29 -9.69 8.94
C PHE B 332 -19.86 -9.30 8.69
N GLU B 333 -19.11 -10.23 8.12
CA GLU B 333 -17.68 -10.04 8.04
C GLU B 333 -17.37 -9.07 6.90
N PRO B 334 -16.76 -7.93 7.24
CA PRO B 334 -16.59 -6.82 6.30
C PRO B 334 -15.94 -7.26 4.96
N SER B 335 -14.92 -8.11 5.03
CA SER B 335 -14.12 -8.42 3.86
C SER B 335 -14.82 -9.44 3.01
N ALA B 336 -16.04 -9.83 3.40
CA ALA B 336 -16.83 -10.73 2.58
C ALA B 336 -17.83 -9.95 1.73
N ARG B 337 -17.86 -8.64 1.94
CA ARG B 337 -18.82 -7.82 1.20
C ARG B 337 -18.26 -7.42 -0.15
N ILE B 338 -19.12 -7.42 -1.15
CA ILE B 338 -18.79 -6.91 -2.45
C ILE B 338 -18.26 -5.47 -2.37
N SER B 339 -17.26 -5.14 -3.19
CA SER B 339 -16.79 -3.77 -3.26
C SER B 339 -17.80 -2.93 -4.03
N ALA B 340 -17.79 -1.62 -3.82
CA ALA B 340 -18.59 -0.76 -4.68
C ALA B 340 -18.21 -0.95 -6.17
N ALA B 341 -16.92 -0.91 -6.50
CA ALA B 341 -16.49 -1.08 -7.91
C ALA B 341 -16.97 -2.40 -8.50
N ALA B 342 -16.88 -3.49 -7.73
CA ALA B 342 -17.32 -4.80 -8.20
C ALA B 342 -18.83 -4.92 -8.29
N ALA B 343 -19.54 -4.01 -7.64
CA ALA B 343 -21.00 -4.06 -7.62
C ALA B 343 -21.58 -3.45 -8.89
N LEU B 344 -20.86 -2.47 -9.43
CA LEU B 344 -21.22 -1.88 -10.72
C LEU B 344 -21.15 -2.89 -11.85
N ARG B 345 -20.45 -4.00 -11.60
CA ARG B 345 -20.31 -5.06 -12.60
C ARG B 345 -21.31 -6.19 -12.42
N HIS B 346 -22.15 -6.11 -11.38
CA HIS B 346 -23.16 -7.14 -11.14
C HIS B 346 -24.30 -7.04 -12.18
N PRO B 347 -24.87 -8.18 -12.61
CA PRO B 347 -25.93 -8.18 -13.63
C PRO B 347 -27.15 -7.30 -13.34
N PHE B 348 -27.44 -7.04 -12.07
CA PHE B 348 -28.59 -6.25 -11.73
C PHE B 348 -28.39 -4.83 -12.21
N LEU B 349 -27.14 -4.39 -12.16
CA LEU B 349 -26.74 -3.09 -12.68
C LEU B 349 -26.18 -3.12 -14.14
N ALA B 350 -26.25 -4.26 -14.82
CA ALA B 350 -25.68 -4.39 -16.17
C ALA B 350 -26.18 -3.34 -17.17
N LYS B 351 -27.38 -2.81 -16.92
CA LYS B 351 -28.04 -1.88 -17.84
C LYS B 351 -27.34 -0.54 -17.94
N TYR B 352 -26.86 -0.04 -16.79
CA TYR B 352 -26.20 1.27 -16.75
C TYR B 352 -24.68 1.19 -16.77
N HIS B 353 -24.16 -0.03 -16.71
CA HIS B 353 -22.75 -0.20 -16.41
C HIS B 353 -21.86 0.27 -17.56
N ASP B 354 -20.99 1.22 -17.24
CA ASP B 354 -20.09 1.81 -18.20
C ASP B 354 -18.67 1.97 -17.68
N PRO B 355 -17.79 1.01 -17.97
CA PRO B 355 -16.44 1.01 -17.40
C PRO B 355 -15.73 2.32 -17.67
N ASP B 356 -16.01 2.91 -18.83
CA ASP B 356 -15.37 4.15 -19.23
C ASP B 356 -16.03 5.38 -18.65
N ASP B 357 -17.25 5.23 -18.14
CA ASP B 357 -17.97 6.26 -17.37
C ASP B 357 -17.92 6.13 -15.82
N GLU B 358 -17.12 5.21 -15.29
CA GLU B 358 -17.04 5.00 -13.83
C GLU B 358 -15.67 5.25 -13.20
N PRO B 359 -15.28 6.53 -13.10
CA PRO B 359 -13.95 6.92 -12.61
C PRO B 359 -13.62 6.75 -11.11
N ASP B 360 -12.34 6.45 -10.89
CA ASP B 360 -11.66 6.58 -9.61
C ASP B 360 -11.45 8.06 -9.37
N CYS B 361 -10.92 8.39 -8.19
CA CYS B 361 -10.62 9.76 -7.85
C CYS B 361 -9.13 9.96 -7.75
N ALA B 362 -8.64 10.84 -8.65
CA ALA B 362 -7.29 10.77 -9.15
C ALA B 362 -6.17 10.88 -8.14
N PRO B 363 -5.93 12.06 -7.53
CA PRO B 363 -5.13 11.80 -6.32
C PRO B 363 -6.08 11.43 -5.17
N PRO B 364 -5.61 10.59 -4.24
CA PRO B 364 -6.54 10.22 -3.19
C PRO B 364 -6.60 11.36 -2.19
N PHE B 365 -7.47 11.25 -1.19
CA PHE B 365 -7.68 12.34 -0.25
C PHE B 365 -6.63 12.35 0.84
N ASP B 366 -6.34 13.53 1.35
CA ASP B 366 -5.26 13.72 2.30
C ASP B 366 -5.62 13.18 3.66
N PHE B 367 -6.53 13.87 4.35
CA PHE B 367 -6.93 13.53 5.73
C PHE B 367 -5.78 13.71 6.72
N ALA B 368 -4.62 14.09 6.20
CA ALA B 368 -3.43 14.27 7.01
C ALA B 368 -3.67 15.25 8.13
N PHE B 369 -4.40 16.33 7.85
CA PHE B 369 -4.51 17.44 8.79
C PHE B 369 -5.03 16.97 10.15
N ASP B 370 -6.35 16.83 10.30
CA ASP B 370 -6.93 15.77 11.15
C ASP B 370 -6.18 15.28 12.37
N ARG B 371 -5.76 14.02 12.27
CA ARG B 371 -5.08 13.28 13.34
C ARG B 371 -3.89 14.04 13.93
N GLU B 372 -3.37 15.00 13.19
CA GLU B 372 -2.33 15.87 13.71
C GLU B 372 -2.91 17.06 14.48
N ALA B 373 -3.59 17.94 13.76
CA ALA B 373 -3.92 19.27 14.29
C ALA B 373 -4.71 19.31 15.60
N LEU B 374 -6.01 19.01 15.53
CA LEU B 374 -6.87 18.95 16.72
C LEU B 374 -6.95 20.28 17.49
N THR B 375 -6.13 21.24 17.08
CA THR B 375 -5.78 22.39 17.92
C THR B 375 -6.83 23.48 18.08
N ARG B 376 -7.95 23.35 17.36
CA ARG B 376 -8.96 24.42 17.29
C ARG B 376 -8.24 25.71 16.95
N GLU B 377 -8.65 26.82 17.57
CA GLU B 377 -7.91 28.07 17.43
C GLU B 377 -7.68 28.46 15.97
N ARG B 378 -6.41 28.43 15.56
CA ARG B 378 -6.00 28.73 14.19
C ARG B 378 -6.70 27.89 13.12
N ILE B 379 -7.33 26.78 13.51
CA ILE B 379 -8.15 25.99 12.59
C ILE B 379 -9.15 26.89 11.87
N LYS B 380 -9.64 27.92 12.54
CA LYS B 380 -10.49 28.93 11.92
C LYS B 380 -9.80 29.57 10.73
N GLU B 381 -8.47 29.71 10.81
CA GLU B 381 -7.70 30.23 9.68
C GLU B 381 -7.47 29.15 8.63
N ALA B 382 -7.50 27.89 9.06
CA ALA B 382 -7.37 26.76 8.14
C ALA B 382 -8.63 26.64 7.30
N ILE B 383 -9.74 27.09 7.87
CA ILE B 383 -11.01 27.22 7.16
C ILE B 383 -10.94 28.48 6.29
N VAL B 384 -10.15 29.45 6.74
CA VAL B 384 -9.89 30.67 5.98
C VAL B 384 -8.86 30.42 4.87
N ALA B 385 -7.96 29.46 5.08
CA ALA B 385 -6.96 29.11 4.07
C ALA B 385 -7.63 28.38 2.91
N GLU B 386 -8.75 27.71 3.20
CA GLU B 386 -9.68 27.23 2.19
C GLU B 386 -10.50 28.48 1.86
N ILE B 387 -11.65 28.37 1.22
CA ILE B 387 -12.34 29.61 0.82
C ILE B 387 -11.43 30.38 -0.15
N GLU B 388 -10.75 31.43 0.31
CA GLU B 388 -9.86 32.18 -0.58
C GLU B 388 -8.91 31.30 -1.43
N ASP B 389 -8.58 30.09 -0.96
CA ASP B 389 -7.93 29.12 -1.84
C ASP B 389 -8.87 28.76 -2.99
N PHE B 390 -10.09 28.35 -2.67
CA PHE B 390 -11.13 28.12 -3.66
C PHE B 390 -11.29 29.38 -4.51
N HIS B 391 -11.57 30.50 -3.84
CA HIS B 391 -11.86 31.78 -4.46
C HIS B 391 -10.75 32.30 -5.37
N ALA B 392 -9.63 32.66 -4.74
CA ALA B 392 -8.58 33.39 -5.42
C ALA B 392 -7.88 32.56 -6.48
N ARG B 393 -7.88 31.23 -6.31
CA ARG B 393 -7.13 30.36 -7.21
C ARG B 393 -7.33 30.67 -8.69
N ARG B 394 -8.54 30.59 -9.21
CA ARG B 394 -8.79 30.97 -10.59
C ARG B 394 -8.90 32.48 -10.77
N GLU B 395 -7.89 33.25 -11.23
CA GLU B 395 -6.77 33.03 -12.19
C GLU B 395 -6.91 33.29 -13.70
N GLY B 396 -8.11 33.23 -14.28
CA GLY B 396 -8.38 33.90 -15.55
C GLY B 396 -7.26 33.85 -16.60
N ILE B 397 -6.47 32.78 -16.57
CA ILE B 397 -5.20 32.69 -17.32
C ILE B 397 -5.36 31.99 -18.67
N ARG B 398 -6.62 31.75 -19.04
CA ARG B 398 -6.92 31.17 -20.33
C ARG B 398 -7.23 32.29 -21.32
N GLN B 399 -7.43 31.95 -22.59
CA GLN B 399 -8.04 32.86 -23.58
C GLN B 399 -8.68 32.10 -24.75
N GLN B 400 -9.78 32.65 -25.29
CA GLN B 400 -10.50 31.99 -26.37
C GLN B 400 -9.79 32.12 -27.71
N ILE B 401 -10.02 31.14 -28.58
CA ILE B 401 -9.35 31.03 -29.90
C ILE B 401 -7.83 30.87 -29.76
N GLY C 1 13.34 25.84 -23.67
CA GLY C 1 12.12 26.58 -23.97
C GLY C 1 11.47 27.16 -22.73
N SER C 2 10.70 28.22 -22.92
CA SER C 2 10.01 28.87 -21.81
C SER C 2 8.62 28.33 -21.58
N VAL C 3 8.27 28.20 -20.29
CA VAL C 3 6.95 27.81 -19.80
C VAL C 3 6.26 26.62 -20.51
N LEU C 4 4.93 26.67 -20.56
CA LEU C 4 4.12 25.67 -21.23
C LEU C 4 2.77 26.26 -21.63
N VAL C 5 2.22 25.82 -22.77
CA VAL C 5 0.93 26.31 -23.23
C VAL C 5 0.04 25.14 -23.64
N ILE C 6 -1.16 25.08 -23.09
CA ILE C 6 -2.08 24.00 -23.41
C ILE C 6 -3.30 24.51 -24.18
N ARG C 7 -3.64 23.81 -25.25
CA ARG C 7 -4.81 24.17 -26.04
C ARG C 7 -5.93 23.17 -25.76
N ILE C 8 -7.04 23.68 -25.25
CA ILE C 8 -8.18 22.81 -24.96
C ILE C 8 -9.15 22.84 -26.13
N LYS C 9 -9.30 21.71 -26.80
CA LYS C 9 -10.26 21.63 -27.90
C LYS C 9 -11.68 21.46 -27.36
N ILE C 10 -12.55 22.43 -27.68
CA ILE C 10 -13.94 22.32 -27.31
C ILE C 10 -14.88 22.27 -28.53
N PRO C 11 -15.57 21.14 -28.73
CA PRO C 11 -16.40 20.95 -29.92
C PRO C 11 -17.39 22.11 -30.14
N ASN C 12 -17.37 22.64 -31.36
CA ASN C 12 -18.19 23.77 -31.80
C ASN C 12 -17.76 25.13 -31.27
N SER C 13 -16.96 25.15 -30.22
CA SER C 13 -16.49 26.41 -29.64
C SER C 13 -15.06 26.80 -30.04
N GLY C 14 -14.42 26.00 -30.89
CA GLY C 14 -13.01 26.21 -31.16
C GLY C 14 -12.15 25.78 -30.01
N ALA C 15 -11.24 26.65 -29.56
CA ALA C 15 -10.28 26.26 -28.54
C ALA C 15 -9.92 27.33 -27.52
N VAL C 16 -9.33 26.90 -26.40
CA VAL C 16 -8.85 27.79 -25.35
C VAL C 16 -7.35 27.58 -25.11
N ASP C 17 -6.61 28.67 -24.99
CA ASP C 17 -5.17 28.60 -24.75
C ASP C 17 -4.84 28.93 -23.30
N TRP C 18 -4.21 27.97 -22.62
CA TRP C 18 -3.90 28.14 -21.23
C TRP C 18 -2.38 28.18 -21.05
N THR C 19 -1.88 29.34 -20.65
CA THR C 19 -0.46 29.50 -20.43
C THR C 19 -0.13 28.98 -19.06
N VAL C 20 0.65 27.90 -19.02
CA VAL C 20 0.96 27.26 -17.76
C VAL C 20 2.13 27.93 -17.06
N HIS C 21 1.98 28.25 -15.78
CA HIS C 21 3.09 28.77 -15.02
C HIS C 21 2.97 28.27 -13.57
N SER C 22 3.97 28.49 -12.70
CA SER C 22 5.26 29.12 -13.03
C SER C 22 6.15 28.38 -14.05
N GLY C 23 6.51 27.10 -13.84
CA GLY C 23 6.22 26.30 -12.66
C GLY C 23 7.44 26.27 -11.75
N PRO C 24 7.68 25.14 -11.07
CA PRO C 24 6.98 23.85 -11.10
C PRO C 24 5.89 23.78 -10.02
N GLN C 25 5.09 22.71 -9.96
CA GLN C 25 5.03 21.66 -10.98
C GLN C 25 3.64 21.59 -11.60
N LEU C 26 3.49 20.74 -12.62
CA LEU C 26 2.18 20.52 -13.22
C LEU C 26 1.59 19.21 -12.74
N LEU C 27 0.51 19.31 -11.97
CA LEU C 27 -0.18 18.14 -11.44
C LEU C 27 -1.39 17.80 -12.33
N PHE C 28 -1.70 16.53 -12.45
CA PHE C 28 -2.84 16.12 -13.27
C PHE C 28 -4.16 16.84 -12.90
N ARG C 29 -4.33 17.20 -11.63
CA ARG C 29 -5.52 17.91 -11.18
C ARG C 29 -5.63 19.34 -11.70
N ASP C 30 -4.50 20.05 -11.76
CA ASP C 30 -4.44 21.39 -12.36
C ASP C 30 -5.05 21.42 -13.75
N VAL C 31 -4.85 20.34 -14.52
CA VAL C 31 -5.46 20.25 -15.83
C VAL C 31 -6.98 20.08 -15.74
N LEU C 32 -7.43 19.15 -14.89
CA LEU C 32 -8.86 18.92 -14.67
C LEU C 32 -9.62 20.13 -14.12
N ASP C 33 -8.92 21.02 -13.43
CA ASP C 33 -9.58 22.22 -12.96
C ASP C 33 -9.72 23.25 -14.09
N VAL C 34 -8.77 23.27 -15.02
CA VAL C 34 -8.81 24.25 -16.11
C VAL C 34 -9.85 23.86 -17.16
N ILE C 35 -9.92 22.57 -17.48
CA ILE C 35 -10.97 22.03 -18.33
C ILE C 35 -12.34 22.31 -17.70
N GLY C 36 -12.43 22.03 -16.40
CA GLY C 36 -13.65 22.16 -15.65
C GLY C 36 -14.21 23.57 -15.68
N GLN C 37 -13.32 24.55 -15.76
CA GLN C 37 -13.74 25.93 -15.86
C GLN C 37 -14.02 26.35 -17.29
N VAL C 38 -13.32 25.78 -18.26
CA VAL C 38 -13.64 26.07 -19.65
C VAL C 38 -14.82 25.21 -20.12
N LEU C 39 -15.06 24.11 -19.43
CA LEU C 39 -16.19 23.24 -19.73
C LEU C 39 -17.08 23.19 -18.49
N PRO C 40 -17.74 24.31 -18.16
CA PRO C 40 -18.47 24.41 -16.90
C PRO C 40 -19.73 23.55 -16.90
N GLU C 41 -20.18 23.19 -18.09
CA GLU C 41 -21.41 22.43 -18.26
C GLU C 41 -21.16 20.91 -18.26
N ALA C 42 -19.93 20.51 -17.96
CA ALA C 42 -19.59 19.09 -17.93
C ALA C 42 -18.61 18.74 -16.83
N THR C 43 -18.53 17.45 -16.53
CA THR C 43 -17.65 16.92 -15.49
C THR C 43 -16.64 16.02 -16.19
N THR C 44 -15.39 16.47 -16.22
CA THR C 44 -14.39 15.80 -17.01
C THR C 44 -13.35 15.20 -16.08
N THR C 45 -13.22 13.88 -16.07
CA THR C 45 -12.24 13.22 -15.24
C THR C 45 -10.98 12.82 -15.99
N ALA C 46 -11.00 12.96 -17.31
CA ALA C 46 -9.92 12.49 -18.18
C ALA C 46 -9.80 13.27 -19.47
N PHE C 47 -8.60 13.31 -20.02
CA PHE C 47 -8.38 13.93 -21.33
C PHE C 47 -7.40 13.10 -22.15
N GLU C 48 -7.47 13.28 -23.47
CA GLU C 48 -6.58 12.56 -24.37
C GLU C 48 -5.64 13.55 -25.01
N TYR C 49 -4.49 13.06 -25.47
CA TYR C 49 -3.62 13.84 -26.34
C TYR C 49 -3.16 13.02 -27.53
N GLU C 50 -2.56 13.67 -28.52
CA GLU C 50 -2.23 12.99 -29.77
C GLU C 50 -0.79 12.51 -29.85
N ASP C 51 -0.66 11.23 -30.22
CA ASP C 51 0.58 10.46 -30.25
C ASP C 51 1.64 10.94 -31.22
N GLU C 52 1.27 11.85 -32.13
CA GLU C 52 2.07 12.26 -33.30
C GLU C 52 1.92 11.30 -34.50
N ASP C 53 1.38 10.12 -34.22
CA ASP C 53 0.82 9.26 -35.26
C ASP C 53 -0.63 9.66 -35.41
N GLY C 54 -1.06 10.53 -34.51
CA GLY C 54 -2.45 10.96 -34.48
C GLY C 54 -3.25 10.03 -33.60
N ASP C 55 -2.56 9.13 -32.90
CA ASP C 55 -3.20 8.28 -31.91
C ASP C 55 -3.50 9.01 -30.61
N ARG C 56 -4.70 8.79 -30.08
CA ARG C 56 -5.08 9.36 -28.80
C ARG C 56 -4.45 8.57 -27.65
N ILE C 57 -3.90 9.31 -26.69
CA ILE C 57 -3.36 8.70 -25.49
C ILE C 57 -4.04 9.36 -24.29
N THR C 58 -4.70 8.55 -23.47
CA THR C 58 -5.56 9.03 -22.39
C THR C 58 -4.79 9.26 -21.08
N VAL C 59 -5.08 10.38 -20.42
CA VAL C 59 -4.46 10.70 -19.13
C VAL C 59 -5.54 10.73 -18.02
N ARG C 60 -5.54 9.69 -17.17
CA ARG C 60 -6.47 9.61 -16.06
C ARG C 60 -5.92 10.05 -14.71
N SER C 61 -4.60 10.20 -14.63
CA SER C 61 -3.95 10.36 -13.33
C SER C 61 -2.58 11.00 -13.45
N ASP C 62 -2.02 11.45 -12.33
CA ASP C 62 -0.69 12.05 -12.33
C ASP C 62 0.38 11.14 -12.93
N GLU C 63 0.11 9.84 -12.97
CA GLU C 63 1.04 8.91 -13.61
C GLU C 63 1.21 9.17 -15.12
N GLU C 64 0.12 9.19 -15.87
CA GLU C 64 0.17 9.41 -17.33
C GLU C 64 0.66 10.79 -17.77
N MET C 65 0.86 11.70 -16.81
CA MET C 65 1.41 13.02 -17.07
C MET C 65 2.89 12.90 -17.42
N LYS C 66 3.56 11.91 -16.84
CA LYS C 66 4.99 11.72 -17.09
C LYS C 66 5.25 11.49 -18.58
N ALA C 67 4.46 10.59 -19.18
CA ALA C 67 4.66 10.21 -20.57
C ALA C 67 4.20 11.33 -21.50
N MET C 68 3.20 12.07 -21.06
CA MET C 68 2.64 13.13 -21.89
C MET C 68 3.64 14.26 -22.08
N LEU C 69 4.24 14.68 -20.98
CA LEU C 69 5.13 15.83 -20.99
C LEU C 69 6.45 15.54 -21.71
N SER C 70 7.06 14.40 -21.39
CA SER C 70 8.30 14.01 -22.03
C SER C 70 8.12 13.88 -23.55
N TYR C 71 7.04 13.24 -23.99
CA TYR C 71 6.73 13.17 -25.41
C TYR C 71 6.67 14.58 -25.97
N TYR C 72 5.91 15.44 -25.31
CA TYR C 72 5.70 16.80 -25.78
C TYR C 72 7.01 17.61 -25.78
N TYR C 73 7.90 17.26 -24.86
CA TYR C 73 9.21 17.89 -24.68
C TYR C 73 10.11 17.61 -25.88
N SER C 74 9.96 16.42 -26.44
CA SER C 74 10.74 16.00 -27.59
C SER C 74 10.27 16.80 -28.80
N THR C 75 8.95 16.87 -28.94
CA THR C 75 8.27 17.65 -29.98
C THR C 75 8.62 19.13 -29.96
N VAL C 76 8.80 19.68 -28.76
CA VAL C 76 9.11 21.09 -28.65
C VAL C 76 10.54 21.25 -29.06
N MET C 77 11.34 20.25 -28.72
CA MET C 77 12.76 20.27 -29.04
C MET C 77 12.96 20.23 -30.55
N GLU C 78 12.18 19.40 -31.25
CA GLU C 78 12.30 19.25 -32.69
C GLU C 78 11.84 20.52 -33.43
N GLN C 79 10.69 21.06 -33.03
CA GLN C 79 10.18 22.27 -33.65
C GLN C 79 11.12 23.46 -33.44
N GLN C 80 11.79 23.49 -32.30
CA GLN C 80 12.65 24.63 -32.00
C GLN C 80 13.93 24.53 -32.81
N VAL C 81 14.31 23.29 -33.13
CA VAL C 81 15.44 23.04 -34.00
C VAL C 81 15.12 23.55 -35.41
N ASN C 82 13.90 23.32 -35.85
CA ASN C 82 13.47 23.68 -37.19
C ASN C 82 13.07 25.14 -37.29
N GLY C 83 13.28 25.89 -36.21
CA GLY C 83 12.82 27.27 -36.13
C GLY C 83 11.37 27.35 -36.52
N GLN C 84 10.60 26.40 -35.98
CA GLN C 84 9.27 26.07 -36.48
C GLN C 84 8.11 26.76 -35.77
N LEU C 85 8.38 27.68 -34.84
CA LEU C 85 7.28 28.35 -34.12
C LEU C 85 6.43 27.36 -33.31
N ILE C 86 6.93 26.99 -32.14
CA ILE C 86 6.37 25.92 -31.29
C ILE C 86 4.87 25.96 -30.95
N GLU C 87 4.20 24.86 -31.28
CA GLU C 87 2.76 24.75 -31.09
C GLU C 87 2.45 24.30 -29.67
N PRO C 88 1.26 24.69 -29.17
CA PRO C 88 0.89 24.33 -27.80
C PRO C 88 0.50 22.87 -27.71
N LEU C 89 0.69 22.27 -26.54
CA LEU C 89 0.16 20.95 -26.27
C LEU C 89 -1.36 20.99 -26.36
N GLN C 90 -1.92 20.11 -27.18
CA GLN C 90 -3.34 20.13 -27.43
C GLN C 90 -3.97 18.99 -26.65
N ILE C 91 -4.91 19.31 -25.78
CA ILE C 91 -5.63 18.25 -25.08
C ILE C 91 -7.11 18.19 -25.47
N PHE C 92 -7.66 17.00 -25.34
CA PHE C 92 -9.00 16.71 -25.78
C PHE C 92 -9.81 16.19 -24.61
N PRO C 93 -10.52 17.10 -23.92
CA PRO C 93 -11.30 16.73 -22.74
C PRO C 93 -12.21 15.57 -23.08
N ARG C 94 -12.15 14.49 -22.31
CA ARG C 94 -12.84 13.29 -22.71
C ARG C 94 -14.32 13.48 -22.44
N ALA C 95 -15.14 13.34 -23.48
CA ALA C 95 -16.57 13.58 -23.36
C ALA C 95 -17.17 12.67 -22.30
N CYS C 96 -17.80 13.27 -21.30
CA CYS C 96 -18.42 12.51 -20.23
C CYS C 96 -19.93 12.47 -20.47
N LYS C 97 -20.54 11.32 -20.18
CA LYS C 97 -21.96 11.14 -20.43
C LYS C 97 -22.81 11.89 -19.42
N PRO C 98 -23.64 12.83 -19.89
CA PRO C 98 -24.55 13.50 -18.97
C PRO C 98 -25.74 12.56 -18.75
N PRO C 99 -26.65 12.91 -17.84
CA PRO C 99 -27.87 12.10 -17.67
C PRO C 99 -29.13 12.42 -18.53
N GLY C 100 -29.37 11.85 -19.72
CA GLY C 100 -28.44 11.22 -20.66
C GLY C 100 -27.99 9.78 -20.42
N GLU C 101 -27.79 9.39 -19.17
CA GLU C 101 -27.57 7.98 -18.84
C GLU C 101 -28.86 7.39 -18.33
N ARG C 102 -29.86 8.24 -18.15
CA ARG C 102 -31.19 7.80 -17.75
C ARG C 102 -32.06 7.79 -19.00
N ASN C 103 -32.23 6.62 -19.58
CA ASN C 103 -32.83 6.49 -20.90
C ASN C 103 -34.32 6.61 -20.83
N ILE C 104 -34.82 6.77 -19.59
CA ILE C 104 -36.26 6.71 -19.34
C ILE C 104 -36.95 7.77 -18.40
N HIS C 105 -36.66 7.82 -17.09
CA HIS C 105 -37.68 8.23 -16.09
C HIS C 105 -37.55 9.41 -15.10
N GLY C 106 -38.70 9.95 -14.70
CA GLY C 106 -38.80 11.03 -13.74
C GLY C 106 -39.34 10.66 -12.36
N LEU C 107 -39.37 11.64 -11.45
CA LEU C 107 -39.78 11.42 -10.07
C LEU C 107 -40.37 12.71 -9.41
N LYS C 108 -41.43 12.58 -8.60
CA LYS C 108 -42.34 13.69 -8.29
C LYS C 108 -41.78 15.04 -7.82
N VAL C 109 -41.14 15.06 -6.66
CA VAL C 109 -40.63 16.31 -6.09
C VAL C 109 -41.74 17.35 -5.83
N ASN C 110 -42.53 17.13 -4.79
CA ASN C 110 -43.46 18.15 -4.36
C ASN C 110 -42.89 18.88 -3.15
N THR C 111 -42.47 20.13 -3.38
CA THR C 111 -41.86 20.96 -2.34
C THR C 111 -41.71 22.42 -2.78
N VAL D 3 -6.55 -25.07 26.01
CA VAL D 3 -6.49 -23.79 25.32
C VAL D 3 -5.64 -22.81 26.12
N LEU D 4 -4.96 -21.91 25.42
CA LEU D 4 -4.10 -20.92 26.06
C LEU D 4 -4.37 -19.59 25.40
N VAL D 5 -4.43 -18.54 26.20
CA VAL D 5 -4.59 -17.22 25.61
C VAL D 5 -3.35 -16.39 25.85
N ILE D 6 -2.80 -15.85 24.78
CA ILE D 6 -1.68 -14.93 24.90
C ILE D 6 -2.21 -13.52 24.70
N ARG D 7 -1.80 -12.63 25.58
CA ARG D 7 -2.18 -11.24 25.51
C ARG D 7 -0.99 -10.40 25.10
N ILE D 8 -1.15 -9.69 24.00
CA ILE D 8 -0.07 -8.88 23.45
C ILE D 8 -0.28 -7.41 23.80
N LYS D 9 0.62 -6.86 24.60
CA LYS D 9 0.53 -5.46 24.96
C LYS D 9 1.05 -4.61 23.80
N ILE D 10 0.19 -3.76 23.25
CA ILE D 10 0.58 -2.88 22.16
C ILE D 10 0.50 -1.40 22.55
N PRO D 11 1.63 -0.68 22.46
CA PRO D 11 1.77 0.68 22.98
C PRO D 11 0.71 1.70 22.53
N ASN D 12 0.13 2.40 23.51
CA ASN D 12 -0.84 3.48 23.30
C ASN D 12 -2.09 3.07 22.55
N SER D 13 -2.41 1.77 22.61
CA SER D 13 -3.48 1.22 21.81
C SER D 13 -4.47 0.45 22.67
N GLY D 14 -3.96 -0.59 23.32
CA GLY D 14 -4.81 -1.58 23.95
C GLY D 14 -4.05 -2.89 24.04
N ALA D 15 -4.77 -4.00 24.02
CA ALA D 15 -4.13 -5.30 23.99
C ALA D 15 -4.77 -6.18 22.94
N VAL D 16 -3.98 -7.11 22.42
CA VAL D 16 -4.51 -8.14 21.55
C VAL D 16 -4.49 -9.48 22.27
N ASP D 17 -5.63 -10.16 22.26
CA ASP D 17 -5.70 -11.48 22.84
C ASP D 17 -5.68 -12.55 21.73
N TRP D 18 -4.60 -13.32 21.73
CA TRP D 18 -4.44 -14.40 20.77
C TRP D 18 -4.88 -15.71 21.41
N THR D 19 -5.90 -16.33 20.85
CA THR D 19 -6.35 -17.60 21.39
C THR D 19 -5.78 -18.77 20.59
N VAL D 20 -4.87 -19.54 21.20
CA VAL D 20 -4.12 -20.56 20.49
C VAL D 20 -5.03 -21.75 20.14
N HIS D 21 -4.51 -22.82 19.53
CA HIS D 21 -5.38 -23.80 18.88
C HIS D 21 -6.23 -24.70 19.83
N SER D 22 -5.69 -25.67 20.61
CA SER D 22 -4.38 -26.32 20.54
C SER D 22 -4.43 -27.30 19.34
N GLY D 23 -3.28 -27.77 18.82
CA GLY D 23 -1.98 -27.78 19.48
C GLY D 23 -1.72 -29.22 19.89
N PRO D 24 -0.46 -29.62 20.05
CA PRO D 24 0.84 -28.92 20.00
C PRO D 24 1.17 -28.48 18.57
N GLN D 25 2.27 -27.76 18.36
CA GLN D 25 3.12 -27.21 19.42
C GLN D 25 3.31 -25.73 19.17
N LEU D 26 3.43 -24.96 20.24
CA LEU D 26 3.66 -23.54 20.06
C LEU D 26 5.12 -23.30 19.74
N LEU D 27 5.35 -22.62 18.62
CA LEU D 27 6.69 -22.31 18.18
C LEU D 27 6.92 -20.82 18.31
N PHE D 28 8.18 -20.43 18.49
CA PHE D 28 8.55 -19.02 18.61
C PHE D 28 8.04 -18.22 17.43
N ARG D 29 8.12 -18.81 16.24
CA ARG D 29 7.64 -18.16 15.03
C ARG D 29 6.13 -17.90 15.06
N ASP D 30 5.38 -18.85 15.59
CA ASP D 30 3.94 -18.67 15.71
C ASP D 30 3.62 -17.37 16.46
N VAL D 31 4.47 -17.00 17.42
CA VAL D 31 4.27 -15.75 18.15
C VAL D 31 4.66 -14.58 17.26
N LEU D 32 5.91 -14.55 16.82
CA LEU D 32 6.41 -13.54 15.85
C LEU D 32 5.46 -13.29 14.68
N ASP D 33 4.85 -14.35 14.19
CA ASP D 33 3.93 -14.19 13.07
C ASP D 33 2.64 -13.50 13.50
N VAL D 34 2.16 -13.80 14.71
CA VAL D 34 0.95 -13.15 15.21
C VAL D 34 1.28 -11.72 15.56
N ILE D 35 2.42 -11.54 16.21
CA ILE D 35 2.89 -10.20 16.56
C ILE D 35 2.98 -9.27 15.36
N GLY D 36 3.68 -9.71 14.31
CA GLY D 36 3.83 -8.89 13.14
C GLY D 36 2.49 -8.67 12.47
N GLN D 37 1.58 -9.60 12.67
CA GLN D 37 0.25 -9.45 12.11
C GLN D 37 -0.58 -8.42 12.84
N VAL D 38 -0.46 -8.34 14.15
CA VAL D 38 -1.17 -7.27 14.86
C VAL D 38 -0.35 -5.97 14.90
N LEU D 39 0.95 -6.08 14.65
CA LEU D 39 1.83 -4.91 14.56
C LEU D 39 2.46 -4.82 13.16
N PRO D 40 1.66 -4.41 12.17
CA PRO D 40 1.99 -4.47 10.74
C PRO D 40 3.08 -3.49 10.28
N GLU D 41 3.19 -2.36 10.96
CA GLU D 41 4.11 -1.31 10.56
C GLU D 41 5.46 -1.52 11.19
N ALA D 42 5.67 -2.68 11.81
CA ALA D 42 6.96 -2.95 12.42
C ALA D 42 7.47 -4.37 12.18
N THR D 43 8.77 -4.54 12.42
CA THR D 43 9.40 -5.83 12.43
C THR D 43 9.82 -6.15 13.86
N THR D 44 9.40 -7.31 14.34
CA THR D 44 9.64 -7.67 15.72
C THR D 44 10.35 -9.00 15.73
N THR D 45 11.57 -9.02 16.23
CA THR D 45 12.34 -10.25 16.32
C THR D 45 12.26 -10.89 17.71
N ALA D 46 11.65 -10.18 18.65
CA ALA D 46 11.74 -10.60 20.03
C ALA D 46 10.56 -10.10 20.91
N PHE D 47 10.27 -10.82 21.98
CA PHE D 47 9.23 -10.36 22.91
C PHE D 47 9.54 -10.76 24.34
N GLU D 48 9.20 -9.90 25.28
CA GLU D 48 9.38 -10.26 26.68
C GLU D 48 8.07 -10.64 27.37
N TYR D 49 8.23 -11.11 28.61
CA TYR D 49 7.15 -11.53 29.46
C TYR D 49 7.67 -11.46 30.90
N GLU D 50 6.75 -11.39 31.87
CA GLU D 50 7.13 -11.18 33.27
C GLU D 50 7.07 -12.46 34.09
N ASP D 51 8.00 -12.60 35.05
CA ASP D 51 7.92 -13.70 36.02
C ASP D 51 7.27 -13.24 37.31
N GLU D 52 7.32 -14.10 38.32
CA GLU D 52 6.68 -13.83 39.61
C GLU D 52 7.13 -12.49 40.18
N ASP D 53 8.41 -12.21 40.01
CA ASP D 53 9.03 -10.99 40.52
C ASP D 53 8.58 -9.76 39.73
N GLY D 54 8.03 -9.99 38.55
CA GLY D 54 7.68 -8.91 37.65
C GLY D 54 8.86 -8.51 36.78
N ASP D 55 9.84 -9.40 36.70
CA ASP D 55 11.03 -9.17 35.87
C ASP D 55 10.82 -9.61 34.42
N ARG D 56 11.01 -8.69 33.49
CA ARG D 56 10.93 -9.02 32.07
C ARG D 56 11.95 -10.09 31.71
N ILE D 57 11.51 -11.12 30.99
CA ILE D 57 12.41 -12.13 30.47
C ILE D 57 12.16 -12.22 28.97
N THR D 58 13.22 -12.12 28.19
CA THR D 58 13.11 -12.01 26.76
C THR D 58 13.15 -13.37 26.09
N VAL D 59 12.26 -13.57 25.13
CA VAL D 59 12.34 -14.75 24.25
C VAL D 59 12.88 -14.37 22.86
N ARG D 60 14.08 -14.84 22.52
CA ARG D 60 14.62 -14.66 21.16
C ARG D 60 14.51 -15.88 20.24
N SER D 61 14.00 -17.00 20.76
CA SER D 61 13.95 -18.22 19.98
C SER D 61 13.07 -19.30 20.59
N ASP D 62 13.12 -20.49 19.99
CA ASP D 62 12.62 -21.70 20.62
C ASP D 62 13.66 -21.91 21.70
N GLU D 63 13.71 -23.05 22.38
CA GLU D 63 14.45 -23.07 23.63
C GLU D 63 13.71 -22.05 24.48
N GLU D 64 14.25 -20.84 24.69
CA GLU D 64 13.68 -19.88 25.66
C GLU D 64 12.14 -19.82 25.64
N MET D 65 11.55 -20.06 24.47
CA MET D 65 10.11 -20.34 24.39
C MET D 65 9.66 -21.38 25.41
N LYS D 66 10.42 -22.47 25.51
CA LYS D 66 10.08 -23.60 26.37
C LYS D 66 10.08 -23.25 27.85
N ALA D 67 10.95 -22.31 28.24
CA ALA D 67 11.03 -21.88 29.63
C ALA D 67 9.90 -20.94 30.00
N MET D 68 9.39 -20.21 29.00
CA MET D 68 8.24 -19.35 29.19
C MET D 68 7.01 -20.21 29.45
N LEU D 69 6.82 -21.21 28.59
CA LEU D 69 5.69 -22.12 28.70
C LEU D 69 5.73 -22.88 30.02
N SER D 70 6.94 -23.26 30.44
CA SER D 70 7.11 -23.97 31.70
C SER D 70 6.66 -23.12 32.89
N TYR D 71 7.17 -21.89 32.99
CA TYR D 71 6.78 -20.99 34.07
C TYR D 71 5.30 -20.68 34.04
N TYR D 72 4.77 -20.31 32.88
CA TYR D 72 3.38 -19.91 32.81
C TYR D 72 2.42 -21.06 33.14
N TYR D 73 2.82 -22.29 32.84
CA TYR D 73 2.01 -23.45 33.16
C TYR D 73 1.93 -23.72 34.66
N SER D 74 3.03 -23.43 35.36
CA SER D 74 3.09 -23.49 36.82
C SER D 74 2.12 -22.46 37.35
N THR D 75 2.26 -21.26 36.81
CA THR D 75 1.43 -20.13 37.17
C THR D 75 -0.05 -20.43 36.95
N VAL D 76 -0.34 -21.26 35.97
CA VAL D 76 -1.73 -21.58 35.63
C VAL D 76 -2.27 -22.65 36.58
N MET D 77 -1.42 -23.60 36.92
CA MET D 77 -1.77 -24.69 37.80
C MET D 77 -2.28 -24.13 39.11
N GLU D 78 -1.45 -23.28 39.71
CA GLU D 78 -1.71 -22.74 41.03
C GLU D 78 -2.99 -21.92 41.08
N GLN D 79 -3.34 -21.29 39.97
CA GLN D 79 -4.46 -20.34 39.97
C GLN D 79 -5.84 -20.95 40.19
N GLN D 80 -6.26 -21.89 39.35
CA GLN D 80 -7.58 -22.45 39.55
C GLN D 80 -7.62 -23.70 40.44
N VAL D 81 -6.45 -24.08 40.95
CA VAL D 81 -6.39 -24.97 42.09
C VAL D 81 -7.01 -24.20 43.27
N ASN D 82 -6.72 -22.92 43.31
CA ASN D 82 -7.32 -21.97 44.24
C ASN D 82 -8.56 -21.35 43.63
N GLY D 83 -9.01 -21.91 42.51
CA GLY D 83 -10.23 -21.48 41.84
C GLY D 83 -10.19 -20.04 41.38
N GLN D 84 -8.98 -19.48 41.30
CA GLN D 84 -8.79 -18.09 40.95
C GLN D 84 -9.07 -17.93 39.46
N LEU D 85 -9.34 -16.71 39.03
CA LEU D 85 -9.52 -16.43 37.62
C LEU D 85 -8.18 -16.58 36.88
N ILE D 86 -8.18 -17.33 35.78
CA ILE D 86 -6.95 -17.62 35.04
C ILE D 86 -6.50 -16.47 34.14
N GLU D 87 -5.31 -15.95 34.42
CA GLU D 87 -4.76 -14.86 33.63
C GLU D 87 -4.17 -15.39 32.33
N PRO D 88 -4.38 -14.64 31.24
CA PRO D 88 -3.71 -14.99 29.97
C PRO D 88 -2.22 -14.81 30.10
N LEU D 89 -1.44 -15.42 29.22
CA LEU D 89 -0.01 -15.19 29.20
C LEU D 89 0.28 -13.87 28.48
N GLN D 90 0.86 -12.92 29.20
CA GLN D 90 1.03 -11.59 28.65
C GLN D 90 2.44 -11.40 28.13
N ILE D 91 2.54 -10.91 26.90
CA ILE D 91 3.84 -10.71 26.28
C ILE D 91 4.02 -9.29 25.77
N PHE D 92 5.24 -8.79 25.87
CA PHE D 92 5.54 -7.43 25.48
C PHE D 92 6.53 -7.45 24.30
N PRO D 93 6.04 -7.15 23.08
CA PRO D 93 6.89 -7.20 21.90
C PRO D 93 8.02 -6.18 22.02
N ARG D 94 9.25 -6.56 21.70
CA ARG D 94 10.35 -5.64 21.89
C ARG D 94 10.38 -4.64 20.73
N ALA D 95 10.21 -3.37 21.08
CA ALA D 95 10.21 -2.30 20.08
C ALA D 95 11.55 -2.27 19.35
N CYS D 96 11.48 -2.36 18.03
CA CYS D 96 12.68 -2.38 17.19
C CYS D 96 12.74 -1.06 16.40
N LYS D 97 13.95 -0.54 16.17
CA LYS D 97 14.10 0.74 15.45
C LYS D 97 13.84 0.65 13.94
N PRO D 98 13.08 1.62 13.43
CA PRO D 98 12.88 1.92 12.02
C PRO D 98 14.13 2.66 11.58
N PRO D 99 14.16 3.26 10.39
CA PRO D 99 15.21 4.25 10.15
C PRO D 99 14.83 5.66 10.67
N GLY D 100 15.04 6.02 11.96
CA GLY D 100 15.81 5.23 12.89
C GLY D 100 17.31 5.24 12.65
N GLU D 101 17.85 4.09 12.24
CA GLU D 101 19.29 3.87 12.09
C GLU D 101 20.00 4.98 11.34
N ARG D 102 19.31 5.62 10.42
CA ARG D 102 19.93 6.63 9.58
C ARG D 102 19.91 8.00 10.23
N ASN D 103 20.95 8.29 11.02
CA ASN D 103 21.06 9.54 11.71
C ASN D 103 21.00 10.78 10.85
N ILE D 104 20.95 10.64 9.53
CA ILE D 104 21.04 11.81 8.65
C ILE D 104 20.31 11.88 7.25
N HIS D 105 20.70 11.04 6.28
CA HIS D 105 20.69 11.46 4.86
C HIS D 105 19.93 10.75 3.71
N GLY D 106 19.70 11.49 2.62
CA GLY D 106 19.00 11.02 1.43
C GLY D 106 19.81 10.73 0.16
N LEU D 107 19.07 10.35 -0.88
CA LEU D 107 19.62 9.83 -2.13
C LEU D 107 18.63 10.16 -3.24
N LYS D 108 19.10 10.40 -4.46
CA LYS D 108 18.17 10.73 -5.54
C LYS D 108 17.68 9.50 -6.29
N VAL D 109 16.37 9.38 -6.44
CA VAL D 109 15.82 8.49 -7.44
C VAL D 109 14.82 9.30 -8.25
N ASN D 110 15.25 9.76 -9.42
CA ASN D 110 14.38 10.26 -10.46
C ASN D 110 14.99 9.68 -11.72
N THR D 111 16.24 10.10 -11.94
CA THR D 111 17.07 9.58 -13.02
C THR D 111 18.13 8.57 -12.51
N ARG D 112 17.92 7.33 -12.93
CA ARG D 112 18.92 6.30 -12.86
C ARG D 112 19.19 6.07 -14.34
N ALA D 113 20.16 5.22 -14.71
CA ALA D 113 20.19 4.93 -16.14
C ALA D 113 20.44 3.52 -16.68
N GLY D 114 21.70 3.13 -16.78
CA GLY D 114 22.77 3.42 -15.85
C GLY D 114 23.61 2.32 -15.24
N PRO D 115 23.56 1.09 -15.78
CA PRO D 115 24.47 0.14 -15.15
C PRO D 115 25.88 0.44 -15.42
N SER D 116 26.39 1.57 -14.96
CA SER D 116 27.63 2.10 -15.53
C SER D 116 28.90 1.31 -15.23
N GLN D 117 30.00 1.80 -15.80
CA GLN D 117 31.34 1.33 -15.49
C GLN D 117 32.20 2.58 -15.26
N SER D 118 32.46 3.37 -16.32
CA SER D 118 32.41 4.83 -16.18
C SER D 118 31.31 5.35 -17.10
N GLY D 119 30.11 5.45 -16.53
CA GLY D 119 28.89 5.74 -17.24
C GLY D 119 28.16 6.98 -16.80
N ARG D 120 26.84 6.89 -16.92
CA ARG D 120 26.23 5.71 -17.51
C ARG D 120 25.52 5.86 -18.86
N HIS D 121 25.37 7.10 -19.29
CA HIS D 121 24.65 7.44 -20.51
C HIS D 121 23.18 6.94 -20.54
N HIS D 122 22.32 7.61 -19.75
CA HIS D 122 20.84 7.74 -19.91
C HIS D 122 20.17 8.47 -18.72
N HIS D 123 18.85 8.74 -18.82
CA HIS D 123 18.04 9.44 -17.80
C HIS D 123 16.52 9.49 -18.12
N HIS D 124 15.80 10.36 -17.42
CA HIS D 124 14.81 11.32 -18.00
C HIS D 124 13.94 12.04 -16.95
N HIS D 125 13.34 13.16 -17.37
CA HIS D 125 12.49 14.01 -16.52
C HIS D 125 12.04 15.27 -17.28
PG ANP E . 17.66 -12.09 -12.28
O1G ANP E . 18.06 -10.73 -11.83
O2G ANP E . 18.23 -13.26 -11.45
O3G ANP E . 18.26 -12.40 -13.72
PB ANP E . 15.02 -12.35 -11.03
O1B ANP E . 16.15 -12.11 -9.95
O2B ANP E . 14.17 -13.65 -10.88
N3B ANP E . 16.03 -12.21 -12.44
PA ANP E . 14.52 -9.86 -9.84
O1A ANP E . 15.98 -9.60 -9.55
O2A ANP E . 13.94 -10.48 -8.64
O3A ANP E . 14.33 -10.91 -10.97
O5' ANP E . 13.75 -8.58 -10.20
C5' ANP E . 14.11 -7.88 -11.37
C4' ANP E . 14.51 -6.50 -11.24
O4' ANP E . 13.44 -5.75 -10.86
C3' ANP E . 15.48 -6.37 -10.16
O3' ANP E . 16.77 -6.40 -10.61
C2' ANP E . 15.26 -5.08 -9.65
O2' ANP E . 16.08 -4.15 -10.21
C1' ANP E . 13.84 -4.83 -9.89
N9 ANP E . 13.14 -5.15 -8.65
C8 ANP E . 13.03 -6.37 -8.14
N7 ANP E . 12.35 -6.28 -7.02
C5 ANP E . 12.04 -5.00 -6.78
C6 ANP E . 11.37 -4.36 -5.75
N6 ANP E . 10.83 -5.11 -4.66
N1 ANP E . 11.21 -3.05 -5.80
C2 ANP E . 11.73 -2.39 -6.83
N3 ANP E . 12.40 -2.95 -7.84
C4 ANP E . 12.56 -4.27 -7.82
PG ANP F . -26.36 16.59 9.41
O1G ANP F . -25.01 16.24 9.98
O2G ANP F . -27.12 17.52 10.39
O3G ANP F . -27.19 15.24 9.21
PB ANP F . -25.72 19.03 8.29
O1B ANP F . -24.54 19.03 7.24
O2B ANP F . -25.43 19.44 9.78
N3B ANP F . -26.28 17.40 7.98
PA ANP F . -27.03 19.25 6.00
O1A ANP F . -27.32 17.75 6.02
O2A ANP F . -25.75 19.49 5.31
O3A ANP F . -26.76 19.81 7.42
O5' ANP F . -28.14 20.09 5.33
C5' ANP F . -29.45 19.89 5.75
C4' ANP F . -30.35 19.18 4.85
O4' ANP F . -30.77 20.05 3.88
C3' ANP F . -29.61 18.18 4.08
O3' ANP F . -29.35 17.03 4.76
C2' ANP F . -30.53 17.96 3.03
O2' ANP F . -31.64 17.29 3.43
C1' ANP F . -30.83 19.33 2.66
N9 ANP F . -29.78 19.78 1.74
C8 ANP F . -28.47 19.79 2.01
N7 ANP F . -27.83 20.24 0.94
C5 ANP F . -28.72 20.49 -0.03
C6 ANP F . -28.60 20.95 -1.34
N6 ANP F . -27.32 21.25 -1.87
N1 ANP F . -29.70 21.10 -2.08
C2 ANP F . -30.88 20.80 -1.56
N3 ANP F . -31.05 20.36 -0.30
C4 ANP F . -29.97 20.19 0.47
#